data_9AX3
#
_entry.id   9AX3
#
_cell.length_a   45.967
_cell.length_b   63.708
_cell.length_c   86.261
_cell.angle_alpha   84.408
_cell.angle_beta   86.906
_cell.angle_gamma   80.632
#
_symmetry.space_group_name_H-M   'P 1'
#
loop_
_entity.id
_entity.type
_entity.pdbx_description
1 polymer 'H9 Immunoglobulin Light Chain'
2 non-polymer 'PHOSPHATE ION'
3 non-polymer 4-[(3R)-3-ethyl-3-phenylpyrrolidin-1-yl]-1,6-dimethylpyridin-2(1H)-one
4 water water
#
_entity_poly.entity_id   1
_entity_poly.type   'polypeptide(L)'
_entity_poly.pdbx_seq_one_letter_code
;QSALTQPPSASGSPGQSVTISCTGTSSDVGGSDSVSWYQQHPGKAPKLIIYEVSQRPSGVPNRFSGSKSGNTASLTVSGL
QAEDDADYYCSSYGGDNNLFFGGGTKVTVLGQPKAAPSVTLFPPSSEELQANKATLVCLISDFYPGAVTVAWKADSSPVK
AGVETTTPSKQSNNKYAASSYLSLTPEQWKSHRSYSCQVTHEGSTVEKTVAPTECS
;
_entity_poly.pdbx_strand_id   A,B,C,D
#
# COMPACT_ATOMS: atom_id res chain seq x y z
N GLN A 1 -4.40 16.86 24.06
CA GLN A 1 -4.28 17.92 23.02
C GLN A 1 -5.67 18.37 22.58
N SER A 2 -6.58 17.41 22.43
CA SER A 2 -7.97 17.66 22.10
C SER A 2 -8.86 16.84 23.02
N ALA A 3 -9.56 17.52 23.93
CA ALA A 3 -10.43 16.84 24.89
C ALA A 3 -11.28 15.78 24.18
N LEU A 4 -12.12 16.23 23.25
CA LEU A 4 -12.88 15.31 22.42
C LEU A 4 -12.04 14.86 21.22
N THR A 5 -12.20 13.61 20.83
CA THR A 5 -11.38 13.01 19.78
C THR A 5 -12.15 12.97 18.48
N GLN A 6 -11.66 13.69 17.46
CA GLN A 6 -12.21 13.67 16.13
C GLN A 6 -11.17 13.14 15.14
N PRO A 7 -11.59 12.49 14.07
CA PRO A 7 -10.65 12.13 13.01
C PRO A 7 -10.07 13.38 12.36
N PRO A 8 -8.77 13.38 12.02
CA PRO A 8 -8.20 14.57 11.39
C PRO A 8 -8.86 14.95 10.07
N SER A 9 -9.24 13.97 9.26
CA SER A 9 -9.75 14.27 7.93
C SER A 9 -10.78 13.23 7.51
N ALA A 10 -11.66 13.65 6.60
CA ALA A 10 -12.61 12.76 5.94
C ALA A 10 -12.87 13.32 4.55
N SER A 11 -13.43 12.49 3.69
CA SER A 11 -13.65 12.92 2.31
C SER A 11 -14.73 12.06 1.67
N GLY A 12 -15.30 12.60 0.60
CA GLY A 12 -16.26 11.87 -0.21
C GLY A 12 -16.48 12.60 -1.52
N SER A 13 -17.07 11.86 -2.47
CA SER A 13 -17.33 12.43 -3.78
C SER A 13 -18.63 13.23 -3.78
N PRO A 14 -18.78 14.15 -4.73
CA PRO A 14 -20.02 14.93 -4.79
C PRO A 14 -21.24 14.03 -4.84
N GLY A 15 -22.23 14.35 -4.00
CA GLY A 15 -23.44 13.59 -3.91
C GLY A 15 -23.41 12.43 -2.94
N GLN A 16 -22.22 12.04 -2.45
CA GLN A 16 -22.11 10.95 -1.50
C GLN A 16 -22.43 11.44 -0.09
N SER A 17 -22.27 10.54 0.88
CA SER A 17 -22.44 10.86 2.29
C SER A 17 -21.15 10.56 3.03
N VAL A 18 -20.91 11.32 4.10
CA VAL A 18 -19.71 11.18 4.92
C VAL A 18 -20.11 11.34 6.38
N THR A 19 -19.59 10.48 7.23
CA THR A 19 -19.88 10.49 8.66
C THR A 19 -18.59 10.67 9.44
N ILE A 20 -18.57 11.64 10.35
CA ILE A 20 -17.40 11.96 11.17
C ILE A 20 -17.79 11.86 12.63
N SER A 21 -16.94 11.21 13.42
CA SER A 21 -17.26 10.88 14.80
C SER A 21 -16.60 11.88 15.76
N CYS A 22 -17.13 11.92 16.97
CA CYS A 22 -16.65 12.81 18.04
C CYS A 22 -16.71 11.99 19.33
N THR A 23 -15.58 11.41 19.72
CA THR A 23 -15.51 10.47 20.83
C THR A 23 -15.00 11.18 22.08
N GLY A 24 -15.74 11.06 23.17
CA GLY A 24 -15.35 11.62 24.46
C GLY A 24 -15.34 10.56 25.53
N THR A 25 -15.80 10.93 26.72
CA THR A 25 -15.88 10.05 27.87
C THR A 25 -17.31 10.02 28.40
N SER A 26 -17.50 9.29 29.51
CA SER A 26 -18.82 9.19 30.11
C SER A 26 -19.28 10.53 30.69
N SER A 27 -18.35 11.33 31.20
CA SER A 27 -18.70 12.56 31.88
C SER A 27 -19.00 13.73 30.93
N ASP A 28 -18.83 13.55 29.62
CA ASP A 28 -19.14 14.61 28.68
C ASP A 28 -20.09 14.13 27.59
N VAL A 29 -19.56 13.49 26.56
CA VAL A 29 -20.39 13.14 25.39
C VAL A 29 -21.52 12.21 25.79
N GLY A 30 -21.18 11.07 26.39
CA GLY A 30 -22.18 10.11 26.77
C GLY A 30 -23.01 10.49 27.98
N GLY A 31 -22.57 11.47 28.75
CA GLY A 31 -23.24 11.84 29.98
C GLY A 31 -24.36 12.84 29.81
N SER A 32 -24.41 13.53 28.68
CA SER A 32 -25.41 14.56 28.47
C SER A 32 -25.76 14.61 26.99
N ASP A 33 -26.74 15.46 26.67
CA ASP A 33 -27.14 15.70 25.28
C ASP A 33 -26.85 17.15 24.90
N SER A 34 -25.59 17.57 25.02
CA SER A 34 -25.17 18.92 24.71
C SER A 34 -24.06 18.94 23.65
N VAL A 35 -24.04 17.93 22.79
CA VAL A 35 -23.03 17.87 21.72
C VAL A 35 -23.42 18.83 20.61
N SER A 36 -22.51 19.73 20.27
CA SER A 36 -22.69 20.66 19.16
C SER A 36 -21.69 20.35 18.05
N TRP A 37 -22.02 20.81 16.85
CA TRP A 37 -21.13 20.72 15.70
C TRP A 37 -21.05 22.08 15.04
N TYR A 38 -19.85 22.45 14.59
CA TYR A 38 -19.58 23.74 13.98
C TYR A 38 -18.89 23.52 12.64
N GLN A 39 -19.28 24.30 11.65
CA GLN A 39 -18.69 24.26 10.32
C GLN A 39 -17.96 25.57 10.07
N GLN A 40 -16.74 25.48 9.53
CA GLN A 40 -15.97 26.68 9.20
C GLN A 40 -15.32 26.48 7.84
N HIS A 41 -15.81 27.24 6.85
CA HIS A 41 -15.15 27.28 5.56
C HIS A 41 -13.80 27.99 5.70
N PRO A 42 -12.83 27.64 4.86
CA PRO A 42 -11.49 28.25 5.00
C PRO A 42 -11.55 29.77 4.90
N GLY A 43 -11.04 30.43 5.95
CA GLY A 43 -11.01 31.87 6.01
C GLY A 43 -12.30 32.53 6.43
N LYS A 44 -13.28 31.77 6.90
CA LYS A 44 -14.59 32.29 7.26
C LYS A 44 -14.85 32.08 8.75
N ALA A 45 -15.84 32.81 9.25
CA ALA A 45 -16.28 32.62 10.63
C ALA A 45 -17.00 31.29 10.77
N PRO A 46 -16.88 30.64 11.92
CA PRO A 46 -17.58 29.36 12.12
C PRO A 46 -19.08 29.56 12.15
N LYS A 47 -19.80 28.43 11.97
CA LYS A 47 -21.25 28.43 12.02
C LYS A 47 -21.72 27.19 12.76
N LEU A 48 -22.62 27.40 13.73
CA LEU A 48 -23.29 26.29 14.39
C LEU A 48 -24.26 25.61 13.43
N ILE A 49 -24.11 24.30 13.26
CA ILE A 49 -25.01 23.54 12.40
C ILE A 49 -25.75 22.44 13.14
N ILE A 50 -25.29 22.01 14.31
CA ILE A 50 -25.98 21.01 15.12
C ILE A 50 -25.80 21.39 16.58
N TYR A 51 -26.89 21.36 17.34
CA TYR A 51 -26.82 21.53 18.79
C TYR A 51 -27.70 20.46 19.43
N GLU A 52 -27.42 20.18 20.69
CA GLU A 52 -28.13 19.16 21.45
C GLU A 52 -28.18 17.85 20.69
N VAL A 53 -27.03 17.45 20.16
CA VAL A 53 -26.80 16.18 19.49
C VAL A 53 -27.35 16.20 18.08
N SER A 54 -28.63 16.57 17.91
CA SER A 54 -29.33 16.37 16.66
C SER A 54 -30.10 17.57 16.14
N GLN A 55 -30.20 18.66 16.90
CA GLN A 55 -31.04 19.77 16.49
C GLN A 55 -30.34 20.62 15.44
N ARG A 56 -31.09 20.99 14.40
CA ARG A 56 -30.57 21.83 13.32
C ARG A 56 -31.04 23.26 13.51
N PRO A 57 -30.15 24.23 13.68
CA PRO A 57 -30.59 25.63 13.70
C PRO A 57 -31.32 25.99 12.41
N SER A 58 -32.05 27.11 12.48
CA SER A 58 -32.77 27.58 11.30
C SER A 58 -31.79 27.91 10.19
N GLY A 59 -32.11 27.46 8.97
CA GLY A 59 -31.26 27.69 7.82
C GLY A 59 -30.25 26.60 7.53
N VAL A 60 -30.15 25.59 8.37
CA VAL A 60 -29.24 24.47 8.15
C VAL A 60 -30.01 23.36 7.46
N PRO A 61 -29.62 22.95 6.25
CA PRO A 61 -30.41 21.95 5.52
C PRO A 61 -30.40 20.60 6.22
N ASN A 62 -31.44 19.81 5.91
CA ASN A 62 -31.58 18.49 6.52
C ASN A 62 -30.54 17.49 6.05
N ARG A 63 -29.70 17.87 5.08
CA ARG A 63 -28.58 17.00 4.69
C ARG A 63 -27.64 16.75 5.87
N PHE A 64 -27.61 17.66 6.84
CA PHE A 64 -26.80 17.53 8.04
C PHE A 64 -27.62 16.88 9.14
N SER A 65 -27.12 15.78 9.70
CA SER A 65 -27.82 15.07 10.76
C SER A 65 -26.82 14.66 11.82
N GLY A 66 -27.22 14.78 13.09
CA GLY A 66 -26.37 14.42 14.21
C GLY A 66 -27.01 13.31 15.03
N SER A 67 -26.16 12.51 15.67
CA SER A 67 -26.63 11.39 16.48
C SER A 67 -25.55 11.09 17.51
N LYS A 68 -25.85 10.13 18.40
CA LYS A 68 -24.93 9.75 19.45
C LYS A 68 -25.17 8.29 19.82
N SER A 69 -24.09 7.61 20.18
CA SER A 69 -24.16 6.21 20.61
C SER A 69 -23.04 5.99 21.62
N GLY A 70 -23.38 6.02 22.90
CA GLY A 70 -22.38 5.85 23.94
C GLY A 70 -21.62 7.13 24.16
N ASN A 71 -20.29 7.03 24.18
CA ASN A 71 -19.42 8.18 24.35
C ASN A 71 -18.99 8.79 23.02
N THR A 72 -19.71 8.51 21.94
CA THR A 72 -19.32 8.94 20.60
C THR A 72 -20.50 9.56 19.89
N ALA A 73 -20.40 10.85 19.59
CA ALA A 73 -21.35 11.54 18.73
C ALA A 73 -20.87 11.49 17.29
N SER A 74 -21.82 11.62 16.36
CA SER A 74 -21.54 11.51 14.94
C SER A 74 -22.32 12.53 14.15
N LEU A 75 -21.65 13.18 13.21
CA LEU A 75 -22.27 14.07 12.24
C LEU A 75 -22.23 13.39 10.87
N THR A 76 -23.37 13.40 10.18
CA THR A 76 -23.47 12.86 8.83
C THR A 76 -23.88 13.98 7.88
N VAL A 77 -23.17 14.08 6.76
CA VAL A 77 -23.49 15.05 5.71
C VAL A 77 -23.78 14.27 4.44
N SER A 78 -25.05 14.28 4.03
CA SER A 78 -25.47 13.61 2.81
C SER A 78 -25.53 14.60 1.66
N GLY A 79 -25.54 14.06 0.44
CA GLY A 79 -25.56 14.89 -0.74
C GLY A 79 -24.43 15.88 -0.74
N LEU A 80 -23.20 15.41 -0.53
CA LEU A 80 -22.05 16.30 -0.45
C LEU A 80 -22.00 17.22 -1.65
N GLN A 81 -21.83 18.51 -1.38
CA GLN A 81 -21.61 19.52 -2.40
C GLN A 81 -20.26 20.18 -2.14
N ALA A 82 -19.70 20.78 -3.19
CA ALA A 82 -18.42 21.45 -3.04
C ALA A 82 -18.46 22.54 -1.97
N GLU A 83 -19.64 23.08 -1.68
CA GLU A 83 -19.74 24.08 -0.62
C GLU A 83 -19.53 23.47 0.76
N ASP A 84 -19.82 22.18 0.91
CA ASP A 84 -19.66 21.51 2.20
C ASP A 84 -18.19 21.33 2.58
N ASP A 85 -17.26 21.67 1.69
CA ASP A 85 -15.85 21.55 2.00
C ASP A 85 -15.47 22.54 3.09
N ALA A 86 -15.03 22.02 4.24
CA ALA A 86 -14.75 22.86 5.39
C ALA A 86 -14.19 22.03 6.54
N ASP A 87 -13.88 22.70 7.65
CA ASP A 87 -13.46 22.04 8.88
C ASP A 87 -14.63 21.97 9.86
N TYR A 88 -14.85 20.80 10.44
CA TYR A 88 -15.98 20.55 11.32
C TYR A 88 -15.50 20.22 12.73
N TYR A 89 -15.99 20.95 13.72
CA TYR A 89 -15.61 20.77 15.11
C TYR A 89 -16.82 20.33 15.93
N CYS A 90 -16.56 19.54 16.96
CA CYS A 90 -17.58 19.18 17.93
C CYS A 90 -17.23 19.76 19.30
N SER A 91 -18.27 20.01 20.10
CA SER A 91 -18.10 20.43 21.49
C SER A 91 -19.13 19.71 22.34
N SER A 92 -18.87 19.68 23.64
CA SER A 92 -19.76 19.02 24.58
C SER A 92 -19.48 19.54 25.98
N TYR A 93 -20.53 19.95 26.68
CA TYR A 93 -20.40 20.34 28.08
C TYR A 93 -20.19 19.10 28.95
N GLY A 94 -19.45 19.29 30.03
CA GLY A 94 -19.07 18.20 30.91
C GLY A 94 -19.89 18.16 32.19
N GLY A 95 -19.29 17.58 33.23
CA GLY A 95 -19.95 17.44 34.51
C GLY A 95 -19.96 18.71 35.32
N ASP A 96 -18.79 19.36 35.45
CA ASP A 96 -18.66 20.60 36.20
C ASP A 96 -18.97 21.83 35.35
N ASN A 97 -19.81 21.70 34.33
CA ASN A 97 -20.20 22.81 33.46
C ASN A 97 -19.01 23.36 32.68
N ASN A 98 -18.04 22.50 32.37
CA ASN A 98 -16.91 22.88 31.53
C ASN A 98 -17.16 22.42 30.10
N LEU A 99 -16.84 23.29 29.14
CA LEU A 99 -17.04 22.99 27.74
C LEU A 99 -15.77 22.38 27.16
N PHE A 100 -15.91 21.24 26.50
CA PHE A 100 -14.81 20.54 25.87
C PHE A 100 -14.98 20.59 24.35
N PHE A 101 -13.85 20.63 23.64
CA PHE A 101 -13.84 20.76 22.20
C PHE A 101 -13.07 19.60 21.57
N GLY A 102 -13.54 19.16 20.40
CA GLY A 102 -12.77 18.27 19.56
C GLY A 102 -11.72 19.03 18.74
N GLY A 103 -10.79 18.27 18.16
CA GLY A 103 -9.68 18.87 17.44
C GLY A 103 -10.04 19.37 16.05
N GLY A 104 -11.15 18.94 15.50
CA GLY A 104 -11.57 19.32 14.18
C GLY A 104 -11.35 18.22 13.16
N THR A 105 -12.16 18.22 12.11
CA THR A 105 -12.02 17.27 11.00
C THR A 105 -12.10 18.05 9.69
N LYS A 106 -11.04 17.94 8.88
CA LYS A 106 -11.04 18.54 7.55
C LYS A 106 -11.80 17.64 6.59
N VAL A 107 -12.92 18.14 6.07
CA VAL A 107 -13.77 17.39 5.14
C VAL A 107 -13.53 17.95 3.74
N THR A 108 -13.14 17.08 2.82
CA THR A 108 -12.83 17.48 1.45
C THR A 108 -13.83 16.80 0.51
N VAL A 109 -14.51 17.61 -0.31
CA VAL A 109 -15.32 17.12 -1.41
C VAL A 109 -14.37 16.96 -2.59
N LEU A 110 -14.01 15.72 -2.90
CA LEU A 110 -12.96 15.42 -3.88
C LEU A 110 -13.18 16.19 -5.17
N GLY A 111 -12.23 17.07 -5.49
CA GLY A 111 -12.18 17.75 -6.77
C GLY A 111 -11.19 17.16 -7.75
N GLN A 112 -10.56 16.04 -7.41
CA GLN A 112 -9.56 15.37 -8.24
C GLN A 112 -9.32 14.01 -7.59
N PRO A 113 -8.65 13.09 -8.25
CA PRO A 113 -8.48 11.74 -7.67
C PRO A 113 -7.64 11.78 -6.41
N LYS A 114 -7.89 10.81 -5.54
CA LYS A 114 -7.11 10.67 -4.32
C LYS A 114 -5.71 10.20 -4.67
N ALA A 115 -4.71 10.71 -3.95
CA ALA A 115 -3.32 10.37 -4.21
C ALA A 115 -2.59 10.25 -2.88
N ALA A 116 -1.93 9.10 -2.66
CA ALA A 116 -1.18 8.88 -1.44
C ALA A 116 0.15 9.63 -1.50
N PRO A 117 0.69 10.02 -0.35
CA PRO A 117 1.91 10.83 -0.35
C PRO A 117 3.17 10.02 -0.59
N SER A 118 4.12 10.66 -1.26
CA SER A 118 5.49 10.16 -1.35
C SER A 118 6.28 10.75 -0.18
N VAL A 119 6.99 9.88 0.55
CA VAL A 119 7.67 10.26 1.78
C VAL A 119 9.15 9.93 1.67
N THR A 120 9.99 10.91 2.02
CA THR A 120 11.43 10.72 2.07
C THR A 120 11.96 11.27 3.38
N LEU A 121 12.68 10.44 4.12
CA LEU A 121 13.23 10.82 5.42
C LEU A 121 14.74 11.02 5.27
N PHE A 122 15.21 12.21 5.64
CA PHE A 122 16.61 12.57 5.48
C PHE A 122 17.31 12.60 6.82
N PRO A 123 18.45 11.91 6.98
CA PRO A 123 19.20 12.00 8.24
C PRO A 123 19.99 13.30 8.31
N PRO A 124 20.65 13.56 9.43
CA PRO A 124 21.40 14.83 9.56
C PRO A 124 22.51 14.93 8.54
N SER A 125 22.69 16.13 7.99
CA SER A 125 23.77 16.39 7.06
C SER A 125 25.07 16.66 7.82
N SER A 126 26.19 16.38 7.16
CA SER A 126 27.49 16.54 7.81
C SER A 126 27.70 17.98 8.27
N GLU A 127 27.34 18.96 7.44
CA GLU A 127 27.56 20.35 7.81
C GLU A 127 26.82 20.71 9.10
N GLU A 128 25.53 20.40 9.18
CA GLU A 128 24.77 20.78 10.36
C GLU A 128 25.26 20.05 11.61
N LEU A 129 25.75 18.81 11.46
CA LEU A 129 26.29 18.09 12.60
C LEU A 129 27.48 18.83 13.19
N GLN A 130 28.34 19.39 12.33
CA GLN A 130 29.47 20.20 12.79
C GLN A 130 29.03 21.56 13.31
N ALA A 131 27.76 21.92 13.15
CA ALA A 131 27.19 23.12 13.75
C ALA A 131 26.33 22.81 14.97
N ASN A 132 26.49 21.62 15.56
CA ASN A 132 25.76 21.21 16.76
C ASN A 132 24.25 21.16 16.51
N LYS A 133 23.86 20.65 15.33
CA LYS A 133 22.47 20.46 14.99
C LYS A 133 22.31 19.16 14.22
N ALA A 134 21.28 18.40 14.56
CA ALA A 134 21.02 17.09 13.96
C ALA A 134 19.57 17.01 13.50
N THR A 135 19.10 18.07 12.83
CA THR A 135 17.70 18.13 12.44
C THR A 135 17.42 17.12 11.34
N LEU A 136 16.35 16.35 11.53
CA LEU A 136 15.83 15.43 10.52
C LEU A 136 14.70 16.12 9.78
N VAL A 137 14.53 15.75 8.50
CA VAL A 137 13.49 16.31 7.66
C VAL A 137 12.72 15.18 7.00
N CYS A 138 11.41 15.25 7.08
CA CYS A 138 10.50 14.28 6.49
C CYS A 138 9.73 15.00 5.39
N LEU A 139 10.09 14.72 4.15
CA LEU A 139 9.49 15.35 2.99
C LEU A 139 8.26 14.55 2.54
N ILE A 140 7.16 15.26 2.31
CA ILE A 140 5.87 14.64 1.97
C ILE A 140 5.31 15.39 0.77
N SER A 141 5.05 14.68 -0.32
CA SER A 141 4.66 15.34 -1.56
C SER A 141 3.69 14.49 -2.35
N ASP A 142 3.02 15.15 -3.30
CA ASP A 142 2.17 14.49 -4.29
C ASP A 142 0.99 13.77 -3.68
N PHE A 143 0.32 14.41 -2.71
CA PHE A 143 -0.86 13.82 -2.07
C PHE A 143 -2.09 14.70 -2.23
N TYR A 144 -3.26 14.05 -2.20
CA TYR A 144 -4.55 14.71 -2.23
C TYR A 144 -5.57 13.80 -1.58
N PRO A 145 -6.47 14.29 -0.72
CA PRO A 145 -6.61 15.69 -0.25
C PRO A 145 -5.39 16.17 0.51
N GLY A 146 -5.31 17.47 0.77
CA GLY A 146 -4.13 18.05 1.39
C GLY A 146 -4.10 17.95 2.90
N ALA A 147 -4.82 17.00 3.46
CA ALA A 147 -4.83 16.76 4.90
C ALA A 147 -3.85 15.64 5.23
N VAL A 148 -2.98 15.87 6.19
CA VAL A 148 -1.99 14.89 6.60
C VAL A 148 -1.62 15.14 8.06
N THR A 149 -1.33 14.07 8.78
CA THR A 149 -0.83 14.14 10.15
C THR A 149 0.48 13.38 10.22
N VAL A 150 1.45 13.94 10.95
CA VAL A 150 2.81 13.42 11.01
C VAL A 150 3.16 13.12 12.47
N ALA A 151 3.81 11.98 12.68
CA ALA A 151 4.20 11.55 14.01
C ALA A 151 5.62 10.98 13.93
N TRP A 152 6.48 11.46 14.82
CA TRP A 152 7.87 11.02 14.88
C TRP A 152 8.06 10.02 16.03
N LYS A 153 8.98 9.08 15.82
CA LYS A 153 9.22 8.01 16.78
C LYS A 153 10.71 7.88 17.02
N ALA A 154 11.15 8.24 18.22
CA ALA A 154 12.51 7.94 18.66
C ALA A 154 12.57 6.48 19.07
N ASP A 155 13.42 5.70 18.41
CA ASP A 155 13.41 4.25 18.57
C ASP A 155 12.03 3.72 18.20
N SER A 156 11.18 3.51 19.21
CA SER A 156 9.79 3.11 18.99
C SER A 156 8.81 3.96 19.78
N SER A 157 9.29 4.89 20.62
CA SER A 157 8.43 5.73 21.42
C SER A 157 8.13 7.04 20.69
N PRO A 158 6.97 7.64 20.94
CA PRO A 158 6.62 8.89 20.24
C PRO A 158 7.31 10.09 20.85
N VAL A 159 7.82 10.96 19.99
CA VAL A 159 8.41 12.23 20.41
C VAL A 159 7.30 13.26 20.49
N LYS A 160 7.30 14.05 21.55
CA LYS A 160 6.25 15.05 21.79
C LYS A 160 6.88 16.42 22.05
N ALA A 161 7.93 16.75 21.29
CA ALA A 161 8.60 18.03 21.42
C ALA A 161 9.68 18.17 20.35
N GLY A 162 9.81 19.36 19.78
CA GLY A 162 10.80 19.61 18.75
C GLY A 162 10.34 19.29 17.33
N VAL A 163 9.09 18.88 17.16
CA VAL A 163 8.56 18.60 15.83
C VAL A 163 7.91 19.86 15.27
N GLU A 164 8.13 20.10 13.99
CA GLU A 164 7.48 21.18 13.26
C GLU A 164 7.03 20.62 11.90
N THR A 165 5.83 20.98 11.48
CA THR A 165 5.29 20.52 10.21
C THR A 165 4.62 21.70 9.50
N THR A 166 5.03 21.94 8.26
CA THR A 166 4.52 23.07 7.51
C THR A 166 3.10 22.80 7.02
N THR A 167 2.37 23.88 6.76
CA THR A 167 1.03 23.75 6.20
C THR A 167 1.12 23.24 4.77
N PRO A 168 0.34 22.22 4.39
CA PRO A 168 0.45 21.69 3.02
C PRO A 168 0.07 22.73 1.98
N SER A 169 0.83 22.77 0.89
CA SER A 169 0.64 23.75 -0.16
C SER A 169 0.55 23.06 -1.51
N LYS A 170 -0.29 23.60 -2.39
CA LYS A 170 -0.44 23.06 -3.74
C LYS A 170 0.81 23.38 -4.55
N GLN A 171 1.32 22.38 -5.26
CA GLN A 171 2.49 22.50 -6.09
C GLN A 171 2.09 22.51 -7.56
N SER A 172 3.07 22.43 -8.46
CA SER A 172 2.82 22.60 -9.88
C SER A 172 1.96 21.49 -10.46
N ASN A 173 1.98 20.31 -9.85
CA ASN A 173 1.21 19.17 -10.32
C ASN A 173 -0.21 19.15 -9.74
N ASN A 174 -0.64 20.24 -9.10
CA ASN A 174 -1.96 20.34 -8.47
C ASN A 174 -2.11 19.36 -7.32
N LYS A 175 -1.01 18.85 -6.77
CA LYS A 175 -1.01 18.05 -5.55
C LYS A 175 -0.31 18.82 -4.44
N TYR A 176 -0.51 18.36 -3.20
CA TYR A 176 -0.01 19.08 -2.04
C TYR A 176 1.36 18.57 -1.63
N ALA A 177 2.13 19.45 -0.97
CA ALA A 177 3.43 19.09 -0.43
C ALA A 177 3.62 19.79 0.90
N ALA A 178 4.41 19.15 1.77
CA ALA A 178 4.73 19.68 3.08
C ALA A 178 5.96 18.94 3.58
N SER A 179 6.52 19.45 4.67
CA SER A 179 7.69 18.84 5.29
C SER A 179 7.58 18.98 6.80
N SER A 180 8.01 17.94 7.49
CA SER A 180 8.09 17.91 8.95
C SER A 180 9.55 17.73 9.33
N TYR A 181 10.04 18.58 10.22
CA TYR A 181 11.42 18.51 10.68
C TYR A 181 11.47 18.42 12.19
N LEU A 182 12.33 17.55 12.68
CA LEU A 182 12.55 17.31 14.11
C LEU A 182 13.92 17.87 14.49
N SER A 183 13.93 18.85 15.39
CA SER A 183 15.16 19.53 15.78
C SER A 183 15.84 18.75 16.90
N LEU A 184 16.69 17.80 16.52
CA LEU A 184 17.43 16.99 17.46
C LEU A 184 18.84 17.54 17.65
N THR A 185 19.35 17.38 18.87
CA THR A 185 20.75 17.68 19.13
C THR A 185 21.62 16.53 18.65
N PRO A 186 22.89 16.79 18.38
CA PRO A 186 23.78 15.69 17.95
C PRO A 186 23.82 14.54 18.94
N GLU A 187 23.59 14.82 20.23
CA GLU A 187 23.59 13.75 21.24
C GLU A 187 22.35 12.88 21.10
N GLN A 188 21.17 13.50 21.01
CA GLN A 188 19.93 12.74 20.84
C GLN A 188 20.01 11.85 19.61
N TRP A 189 20.54 12.36 18.51
CA TRP A 189 20.62 11.57 17.28
C TRP A 189 21.57 10.39 17.41
N LYS A 190 22.63 10.54 18.22
CA LYS A 190 23.60 9.47 18.40
C LYS A 190 23.22 8.51 19.52
N SER A 191 22.51 8.97 20.54
CA SER A 191 22.17 8.11 21.67
C SER A 191 21.17 7.03 21.26
N HIS A 192 20.14 7.42 20.52
CA HIS A 192 19.12 6.47 20.08
C HIS A 192 19.61 5.69 18.86
N ARG A 193 18.95 4.57 18.60
CA ARG A 193 19.37 3.67 17.53
C ARG A 193 18.76 4.02 16.18
N SER A 194 17.58 4.63 16.16
CA SER A 194 16.96 5.03 14.90
C SER A 194 15.76 5.91 15.19
N TYR A 195 15.54 6.89 14.31
CA TYR A 195 14.34 7.72 14.34
C TYR A 195 13.49 7.40 13.11
N SER A 196 12.17 7.56 13.27
CA SER A 196 11.22 7.23 12.22
C SER A 196 10.22 8.36 12.04
N CYS A 197 9.77 8.52 10.80
CA CYS A 197 8.71 9.46 10.46
C CYS A 197 7.48 8.68 10.04
N GLN A 198 6.33 8.99 10.65
CA GLN A 198 5.08 8.31 10.37
C GLN A 198 4.09 9.32 9.80
N VAL A 199 3.60 9.05 8.59
CA VAL A 199 2.71 9.95 7.88
C VAL A 199 1.38 9.24 7.66
N THR A 200 0.29 9.89 8.04
CA THR A 200 -1.05 9.34 7.91
C THR A 200 -1.86 10.18 6.93
N HIS A 201 -2.48 9.51 5.95
CA HIS A 201 -3.26 10.19 4.93
C HIS A 201 -4.45 9.31 4.53
N GLU A 202 -5.65 9.90 4.57
CA GLU A 202 -6.88 9.18 4.23
C GLU A 202 -6.94 7.83 4.94
N GLY A 203 -6.59 7.82 6.23
CA GLY A 203 -6.73 6.66 7.06
C GLY A 203 -5.61 5.64 7.00
N SER A 204 -4.69 5.75 6.05
CA SER A 204 -3.59 4.80 5.92
C SER A 204 -2.28 5.47 6.29
N THR A 205 -1.32 4.66 6.74
CA THR A 205 -0.06 5.15 7.29
C THR A 205 1.12 4.58 6.54
N VAL A 206 2.16 5.39 6.42
CA VAL A 206 3.46 4.99 5.87
C VAL A 206 4.53 5.45 6.85
N GLU A 207 5.63 4.70 6.92
CA GLU A 207 6.66 4.96 7.92
C GLU A 207 8.04 4.73 7.31
N LYS A 208 8.88 5.76 7.36
CA LYS A 208 10.28 5.66 6.95
C LYS A 208 11.16 5.80 8.18
N THR A 209 12.34 5.20 8.13
CA THR A 209 13.26 5.16 9.26
C THR A 209 14.67 5.49 8.81
N VAL A 210 15.44 6.05 9.75
CA VAL A 210 16.85 6.35 9.53
C VAL A 210 17.59 6.11 10.84
N ALA A 211 18.86 5.73 10.73
CA ALA A 211 19.70 5.44 11.88
C ALA A 211 21.10 5.98 11.67
N PRO A 212 21.82 6.29 12.73
CA PRO A 212 23.23 6.70 12.57
C PRO A 212 24.05 5.58 11.96
N THR A 213 24.75 5.90 10.88
CA THR A 213 25.62 4.95 10.19
C THR A 213 27.07 5.41 10.26
N GLU A 214 27.45 6.10 11.33
CA GLU A 214 28.76 6.71 11.47
C GLU A 214 29.08 7.63 10.29
N CYS A 215 28.05 8.13 9.63
CA CYS A 215 28.21 9.10 8.55
C CYS A 215 26.92 9.90 8.38
N GLN B 1 -28.94 36.90 8.79
CA GLN B 1 -28.96 38.07 9.73
C GLN B 1 -28.08 37.78 10.95
N SER B 2 -27.91 36.49 11.27
CA SER B 2 -27.10 36.08 12.41
C SER B 2 -25.65 36.51 12.21
N ALA B 3 -25.28 37.68 12.73
CA ALA B 3 -23.92 38.18 12.56
C ALA B 3 -23.65 39.26 13.58
N LEU B 4 -22.80 38.97 14.56
CA LEU B 4 -22.21 40.01 15.38
C LEU B 4 -21.25 40.84 14.52
N THR B 5 -21.14 42.12 14.83
CA THR B 5 -20.39 43.06 13.99
C THR B 5 -19.05 43.37 14.65
N GLN B 6 -17.97 42.86 14.06
CA GLN B 6 -16.61 43.08 14.50
C GLN B 6 -15.87 43.99 13.52
N PRO B 7 -14.82 44.67 13.97
CA PRO B 7 -13.99 45.43 13.04
C PRO B 7 -13.20 44.49 12.15
N PRO B 8 -13.23 44.70 10.83
CA PRO B 8 -12.50 43.77 9.94
C PRO B 8 -11.02 43.62 10.27
N SER B 9 -10.37 44.66 10.80
CA SER B 9 -8.94 44.57 11.05
C SER B 9 -8.54 45.49 12.19
N ALA B 10 -7.43 45.14 12.83
CA ALA B 10 -6.80 45.96 13.85
C ALA B 10 -5.31 45.67 13.79
N SER B 11 -4.50 46.64 14.23
CA SER B 11 -3.06 46.50 14.13
C SER B 11 -2.39 47.23 15.28
N GLY B 12 -1.11 46.91 15.47
CA GLY B 12 -0.34 47.51 16.54
C GLY B 12 1.03 46.87 16.58
N SER B 13 1.94 47.57 17.24
CA SER B 13 3.33 47.13 17.35
C SER B 13 3.57 46.42 18.68
N PRO B 14 4.65 45.66 18.80
CA PRO B 14 4.90 44.93 20.05
C PRO B 14 4.89 45.88 21.24
N GLY B 15 4.31 45.42 22.35
CA GLY B 15 4.17 46.23 23.52
C GLY B 15 2.97 47.15 23.53
N GLN B 16 2.33 47.36 22.39
CA GLN B 16 1.15 48.21 22.35
C GLN B 16 -0.09 47.43 22.84
N SER B 17 -1.12 48.19 23.19
CA SER B 17 -2.44 47.63 23.49
C SER B 17 -3.35 47.79 22.28
N VAL B 18 -4.30 46.88 22.16
CA VAL B 18 -5.29 46.92 21.08
C VAL B 18 -6.63 46.45 21.64
N THR B 19 -7.70 47.13 21.25
CA THR B 19 -9.05 46.74 21.64
C THR B 19 -9.90 46.58 20.40
N ILE B 20 -10.68 45.50 20.37
CA ILE B 20 -11.60 45.21 19.27
C ILE B 20 -12.99 45.01 19.85
N SER B 21 -14.00 45.40 19.08
CA SER B 21 -15.37 45.42 19.54
C SER B 21 -16.20 44.33 18.87
N CYS B 22 -17.34 44.03 19.49
CA CYS B 22 -18.24 42.98 19.01
C CYS B 22 -19.66 43.48 19.30
N THR B 23 -20.29 44.09 18.30
CA THR B 23 -21.57 44.77 18.47
C THR B 23 -22.70 43.87 18.00
N GLY B 24 -23.69 43.67 18.87
CA GLY B 24 -24.87 42.88 18.57
C GLY B 24 -26.12 43.69 18.84
N THR B 25 -27.12 43.02 19.43
CA THR B 25 -28.38 43.63 19.78
C THR B 25 -28.66 43.37 21.25
N SER B 26 -29.81 43.86 21.73
CA SER B 26 -30.20 43.69 23.12
C SER B 26 -30.64 42.26 23.43
N SER B 27 -30.80 41.41 22.43
CA SER B 27 -31.24 40.04 22.63
C SER B 27 -30.10 39.04 22.69
N ASP B 28 -28.95 39.34 22.07
CA ASP B 28 -27.81 38.43 22.12
C ASP B 28 -26.72 38.98 23.05
N VAL B 29 -25.92 39.92 22.56
CA VAL B 29 -24.82 40.45 23.37
C VAL B 29 -25.37 41.10 24.64
N GLY B 30 -26.17 42.15 24.48
CA GLY B 30 -26.69 42.88 25.62
C GLY B 30 -27.81 42.18 26.37
N GLY B 31 -28.11 40.93 26.01
CA GLY B 31 -29.16 40.18 26.66
C GLY B 31 -28.71 39.08 27.58
N SER B 32 -27.40 38.94 27.82
CA SER B 32 -26.87 37.92 28.70
C SER B 32 -25.35 38.10 28.77
N ASP B 33 -24.73 37.39 29.71
CA ASP B 33 -23.28 37.45 29.85
C ASP B 33 -22.64 36.17 29.31
N SER B 34 -22.92 35.83 28.06
CA SER B 34 -22.41 34.61 27.44
C SER B 34 -21.46 34.92 26.28
N VAL B 35 -20.84 36.09 26.29
CA VAL B 35 -19.96 36.49 25.20
C VAL B 35 -18.63 35.75 25.34
N SER B 36 -18.21 35.12 24.26
CA SER B 36 -16.92 34.43 24.22
C SER B 36 -16.05 35.07 23.14
N TRP B 37 -14.74 34.83 23.25
CA TRP B 37 -13.78 35.24 22.23
C TRP B 37 -12.87 34.06 21.94
N TYR B 38 -12.61 33.85 20.66
CA TYR B 38 -11.76 32.75 20.18
C TYR B 38 -10.61 33.34 19.39
N GLN B 39 -9.41 32.80 19.61
CA GLN B 39 -8.22 33.13 18.82
C GLN B 39 -7.94 32.00 17.85
N GLN B 40 -7.51 32.35 16.64
CA GLN B 40 -7.23 31.35 15.62
C GLN B 40 -6.12 31.82 14.69
N HIS B 41 -5.00 31.11 14.70
CA HIS B 41 -3.97 31.31 13.69
C HIS B 41 -4.40 30.61 12.39
N PRO B 42 -4.27 31.26 11.24
CA PRO B 42 -4.70 30.63 9.99
C PRO B 42 -4.11 29.25 9.79
N GLY B 43 -4.92 28.34 9.27
CA GLY B 43 -4.50 26.95 9.09
C GLY B 43 -4.38 26.15 10.37
N LYS B 44 -4.92 26.65 11.48
CA LYS B 44 -4.81 25.99 12.77
C LYS B 44 -6.16 25.99 13.46
N ALA B 45 -6.34 25.04 14.37
CA ALA B 45 -7.53 25.02 15.19
C ALA B 45 -7.59 26.27 16.05
N PRO B 46 -8.79 26.75 16.40
CA PRO B 46 -8.90 27.94 17.25
C PRO B 46 -8.68 27.59 18.71
N LYS B 47 -8.59 28.64 19.52
CA LYS B 47 -8.49 28.50 20.97
C LYS B 47 -9.44 29.49 21.63
N LEU B 48 -10.30 28.99 22.51
CA LEU B 48 -11.14 29.85 23.34
C LEU B 48 -10.26 30.61 24.32
N ILE B 49 -10.32 31.95 24.27
CA ILE B 49 -9.53 32.77 25.16
C ILE B 49 -10.38 33.49 26.21
N ILE B 50 -11.65 33.76 25.93
CA ILE B 50 -12.55 34.41 26.87
C ILE B 50 -13.91 33.74 26.80
N TYR B 51 -14.52 33.54 27.97
CA TYR B 51 -15.90 33.05 28.05
C TYR B 51 -16.61 33.80 29.16
N GLU B 52 -17.93 33.92 29.03
CA GLU B 52 -18.75 34.67 29.98
C GLU B 52 -18.23 36.11 30.11
N VAL B 53 -17.82 36.68 28.98
CA VAL B 53 -17.49 38.09 28.84
C VAL B 53 -16.07 38.42 29.30
N SER B 54 -15.63 37.80 30.41
CA SER B 54 -14.39 38.22 31.04
C SER B 54 -13.51 37.09 31.55
N GLN B 55 -13.97 35.84 31.56
CA GLN B 55 -13.21 34.76 32.16
C GLN B 55 -12.17 34.22 31.19
N ARG B 56 -10.92 34.10 31.65
CA ARG B 56 -9.87 33.49 30.84
C ARG B 56 -9.71 32.02 31.21
N PRO B 57 -9.78 31.10 30.24
CA PRO B 57 -9.44 29.70 30.55
C PRO B 57 -8.00 29.60 31.03
N SER B 58 -7.70 28.50 31.73
CA SER B 58 -6.34 28.28 32.18
C SER B 58 -5.39 28.20 30.98
N GLY B 59 -4.24 28.84 31.12
CA GLY B 59 -3.26 28.90 30.05
C GLY B 59 -3.31 30.16 29.22
N VAL B 60 -4.39 30.94 29.31
CA VAL B 60 -4.51 32.20 28.58
C VAL B 60 -3.92 33.31 29.44
N PRO B 61 -2.91 34.03 28.98
CA PRO B 61 -2.29 35.06 29.84
C PRO B 61 -3.24 36.21 30.10
N ASN B 62 -3.02 36.89 31.22
CA ASN B 62 -3.88 38.01 31.60
C ASN B 62 -3.72 39.21 30.69
N ARG B 63 -2.85 39.15 29.68
CA ARG B 63 -2.81 40.19 28.67
C ARG B 63 -4.13 40.32 27.92
N PHE B 64 -4.96 39.28 27.93
CA PHE B 64 -6.23 39.28 27.24
C PHE B 64 -7.35 39.54 28.25
N SER B 65 -8.06 40.64 28.10
CA SER B 65 -9.16 40.98 28.99
C SER B 65 -10.39 41.35 28.18
N GLY B 66 -11.54 40.84 28.61
CA GLY B 66 -12.80 41.09 27.93
C GLY B 66 -13.76 41.90 28.78
N SER B 67 -14.68 42.61 28.12
CA SER B 67 -15.65 43.45 28.80
C SER B 67 -16.90 43.55 27.94
N LYS B 68 -17.91 44.21 28.49
CA LYS B 68 -19.18 44.38 27.80
C LYS B 68 -19.86 45.64 28.28
N SER B 69 -20.49 46.37 27.36
CA SER B 69 -21.23 47.58 27.70
C SER B 69 -22.37 47.71 26.70
N GLY B 70 -23.60 47.64 27.19
CA GLY B 70 -24.73 47.68 26.29
C GLY B 70 -24.73 46.46 25.39
N ASN B 71 -24.82 46.69 24.08
CA ASN B 71 -24.81 45.63 23.10
C ASN B 71 -23.46 45.50 22.39
N THR B 72 -22.39 46.00 22.99
CA THR B 72 -21.07 45.98 22.38
C THR B 72 -20.08 45.39 23.37
N ALA B 73 -19.56 44.21 23.05
CA ALA B 73 -18.49 43.59 23.82
C ALA B 73 -17.14 44.02 23.24
N SER B 74 -16.13 44.05 24.10
CA SER B 74 -14.79 44.49 23.70
C SER B 74 -13.75 43.54 24.26
N LEU B 75 -12.79 43.17 23.42
CA LEU B 75 -11.61 42.43 23.83
C LEU B 75 -10.41 43.35 23.75
N THR B 76 -9.56 43.31 24.78
CA THR B 76 -8.34 44.10 24.81
C THR B 76 -7.15 43.15 24.92
N VAL B 77 -6.12 43.41 24.13
CA VAL B 77 -4.88 42.64 24.14
C VAL B 77 -3.77 43.63 24.44
N SER B 78 -3.27 43.62 25.67
CA SER B 78 -2.18 44.50 26.04
C SER B 78 -0.83 43.80 25.82
N GLY B 79 0.21 44.62 25.67
CA GLY B 79 1.55 44.11 25.47
C GLY B 79 1.66 43.17 24.29
N LEU B 80 1.25 43.63 23.12
CA LEU B 80 1.17 42.77 21.95
C LEU B 80 2.48 42.01 21.71
N GLN B 81 2.36 40.72 21.47
CA GLN B 81 3.47 39.85 21.14
C GLN B 81 3.23 39.25 19.76
N ALA B 82 4.31 38.73 19.16
CA ALA B 82 4.20 38.18 17.80
C ALA B 82 3.14 37.10 17.72
N GLU B 83 3.06 36.23 18.74
CA GLU B 83 2.09 35.15 18.71
C GLU B 83 0.65 35.64 18.78
N ASP B 84 0.42 36.93 19.05
CA ASP B 84 -0.93 37.47 19.08
C ASP B 84 -1.46 37.80 17.70
N ASP B 85 -0.58 37.83 16.68
CA ASP B 85 -0.99 38.01 15.30
C ASP B 85 -1.86 36.84 14.88
N ALA B 86 -3.15 37.08 14.70
CA ALA B 86 -4.10 36.00 14.45
C ALA B 86 -5.45 36.62 14.15
N ASP B 87 -6.44 35.75 13.95
CA ASP B 87 -7.84 36.14 13.81
C ASP B 87 -8.58 35.93 15.12
N TYR B 88 -9.56 36.78 15.39
CA TYR B 88 -10.30 36.75 16.65
C TYR B 88 -11.79 36.85 16.38
N TYR B 89 -12.55 35.90 16.92
CA TYR B 89 -13.99 35.84 16.72
C TYR B 89 -14.70 35.97 18.05
N CYS B 90 -15.80 36.72 18.04
CA CYS B 90 -16.69 36.75 19.20
C CYS B 90 -17.92 35.90 18.91
N SER B 91 -18.56 35.47 19.98
CA SER B 91 -19.81 34.72 19.90
C SER B 91 -20.65 35.07 21.12
N SER B 92 -21.96 34.98 20.95
CA SER B 92 -22.92 35.25 22.01
C SER B 92 -24.16 34.39 21.79
N TYR B 93 -24.74 33.91 22.88
CA TYR B 93 -25.96 33.11 22.80
C TYR B 93 -27.16 34.02 22.58
N GLY B 94 -28.06 33.56 21.70
CA GLY B 94 -29.31 34.26 21.46
C GLY B 94 -30.48 33.33 21.64
N GLY B 95 -31.66 33.94 21.83
CA GLY B 95 -32.88 33.18 21.98
C GLY B 95 -33.08 32.18 20.85
N ASP B 96 -33.89 31.15 21.10
CA ASP B 96 -34.15 30.10 20.12
C ASP B 96 -32.95 29.18 19.95
N ASN B 97 -32.17 29.00 21.02
CA ASN B 97 -30.99 28.13 21.01
C ASN B 97 -29.96 28.59 19.99
N ASN B 98 -29.96 29.87 19.65
CA ASN B 98 -29.08 30.40 18.63
C ASN B 98 -27.72 30.78 19.21
N LEU B 99 -26.65 30.45 18.49
CA LEU B 99 -25.30 30.90 18.81
C LEU B 99 -24.84 31.76 17.65
N PHE B 100 -24.67 33.06 17.91
CA PHE B 100 -24.24 34.00 16.90
C PHE B 100 -22.72 34.19 16.96
N PHE B 101 -22.10 34.23 15.78
CA PHE B 101 -20.68 34.51 15.66
C PHE B 101 -20.48 35.83 14.93
N GLY B 102 -19.41 36.53 15.29
CA GLY B 102 -19.02 37.72 14.57
C GLY B 102 -18.31 37.39 13.28
N GLY B 103 -18.03 38.44 12.49
CA GLY B 103 -17.33 38.26 11.23
C GLY B 103 -15.86 37.93 11.38
N GLY B 104 -15.25 38.30 12.51
CA GLY B 104 -13.84 38.05 12.71
C GLY B 104 -12.98 39.29 12.50
N THR B 105 -11.95 39.45 13.32
CA THR B 105 -11.03 40.57 13.24
C THR B 105 -9.61 40.02 13.14
N LYS B 106 -8.91 40.38 12.07
CA LYS B 106 -7.51 40.03 11.89
C LYS B 106 -6.65 41.07 12.59
N VAL B 107 -5.91 40.64 13.61
CA VAL B 107 -5.01 41.50 14.34
C VAL B 107 -3.61 41.31 13.79
N THR B 108 -3.00 42.39 13.32
CA THR B 108 -1.65 42.37 12.76
C THR B 108 -0.69 43.01 13.76
N VAL B 109 0.34 42.27 14.13
CA VAL B 109 1.41 42.79 14.97
C VAL B 109 2.45 43.42 14.04
N LEU B 110 2.49 44.73 14.00
CA LEU B 110 3.33 45.45 13.05
C LEU B 110 4.79 45.39 13.45
N GLY B 111 5.65 45.58 12.45
CA GLY B 111 7.08 45.74 12.71
C GLY B 111 7.71 44.63 13.51
N GLN B 112 7.31 43.39 13.25
CA GLN B 112 8.02 42.26 13.86
C GLN B 112 9.45 42.23 13.35
N PRO B 113 10.40 41.74 14.15
CA PRO B 113 11.81 41.82 13.76
C PRO B 113 12.13 40.94 12.56
N LYS B 114 12.87 41.51 11.62
CA LYS B 114 13.39 40.72 10.50
C LYS B 114 14.34 39.65 11.02
N ALA B 115 14.32 38.50 10.36
CA ALA B 115 15.19 37.38 10.73
C ALA B 115 15.65 36.66 9.47
N ALA B 116 16.97 36.48 9.34
CA ALA B 116 17.52 35.76 8.22
C ALA B 116 17.18 34.28 8.34
N PRO B 117 17.15 33.56 7.21
CA PRO B 117 16.78 32.14 7.25
C PRO B 117 17.93 31.24 7.63
N SER B 118 17.58 30.17 8.36
CA SER B 118 18.49 29.07 8.61
C SER B 118 18.33 28.07 7.47
N VAL B 119 19.40 27.84 6.71
CA VAL B 119 19.38 27.03 5.50
C VAL B 119 20.18 25.76 5.75
N THR B 120 19.54 24.60 5.56
CA THR B 120 20.19 23.31 5.72
C THR B 120 19.86 22.46 4.50
N LEU B 121 20.89 22.07 3.75
CA LEU B 121 20.74 21.28 2.54
C LEU B 121 20.99 19.82 2.85
N PHE B 122 20.12 18.94 2.35
CA PHE B 122 20.22 17.51 2.63
C PHE B 122 20.52 16.75 1.34
N PRO B 123 21.57 15.93 1.32
CA PRO B 123 21.82 15.11 0.14
C PRO B 123 20.90 13.90 0.12
N PRO B 124 20.88 13.15 -0.98
CA PRO B 124 19.99 11.99 -1.06
C PRO B 124 20.27 10.99 0.06
N SER B 125 19.20 10.46 0.64
CA SER B 125 19.34 9.45 1.69
C SER B 125 19.81 8.13 1.08
N SER B 126 20.26 7.23 1.96
CA SER B 126 20.70 5.92 1.50
C SER B 126 19.53 5.08 1.00
N GLU B 127 18.35 5.24 1.60
CA GLU B 127 17.19 4.46 1.18
C GLU B 127 16.74 4.86 -0.21
N GLU B 128 16.49 6.15 -0.44
CA GLU B 128 15.94 6.57 -1.72
C GLU B 128 16.90 6.32 -2.87
N LEU B 129 18.19 6.21 -2.60
CA LEU B 129 19.13 5.84 -3.66
C LEU B 129 18.93 4.39 -4.06
N GLN B 130 18.73 3.49 -3.09
CA GLN B 130 18.37 2.12 -3.42
C GLN B 130 17.10 2.07 -4.24
N ALA B 131 16.13 2.92 -3.90
CA ALA B 131 14.88 3.01 -4.64
C ALA B 131 14.99 3.86 -5.90
N ASN B 132 16.22 4.15 -6.35
CA ASN B 132 16.45 4.86 -7.61
C ASN B 132 15.85 6.27 -7.59
N LYS B 133 15.90 6.90 -6.42
CA LYS B 133 15.56 8.31 -6.26
C LYS B 133 16.77 9.05 -5.69
N ALA B 134 16.90 10.32 -6.08
CA ALA B 134 18.01 11.16 -5.61
C ALA B 134 17.52 12.57 -5.31
N THR B 135 16.46 12.68 -4.52
CA THR B 135 15.86 13.97 -4.23
C THR B 135 16.66 14.69 -3.15
N LEU B 136 16.87 15.98 -3.36
CA LEU B 136 17.52 16.86 -2.40
C LEU B 136 16.49 17.78 -1.77
N VAL B 137 16.70 18.12 -0.51
CA VAL B 137 15.79 18.98 0.26
C VAL B 137 16.59 20.13 0.85
N CYS B 138 16.11 21.36 0.63
CA CYS B 138 16.70 22.57 1.18
C CYS B 138 15.73 23.10 2.24
N LEU B 139 16.00 22.79 3.51
CA LEU B 139 15.13 23.20 4.60
C LEU B 139 15.43 24.64 4.99
N ILE B 140 14.43 25.51 4.91
CA ILE B 140 14.58 26.93 5.19
C ILE B 140 13.60 27.27 6.31
N SER B 141 14.12 27.80 7.41
CA SER B 141 13.29 28.03 8.58
C SER B 141 13.79 29.26 9.33
N ASP B 142 12.95 29.73 10.26
CA ASP B 142 13.30 30.80 11.20
C ASP B 142 13.51 32.14 10.51
N PHE B 143 12.76 32.40 9.44
CA PHE B 143 12.88 33.66 8.72
C PHE B 143 11.56 34.42 8.77
N TYR B 144 11.66 35.75 8.77
CA TYR B 144 10.53 36.65 8.78
C TYR B 144 10.95 37.89 8.01
N PRO B 145 10.10 38.44 7.14
CA PRO B 145 8.77 37.97 6.74
C PRO B 145 8.83 36.65 5.94
N GLY B 146 7.69 36.19 5.40
CA GLY B 146 7.64 34.91 4.74
C GLY B 146 7.81 34.97 3.23
N ALA B 147 8.77 35.76 2.77
CA ALA B 147 9.07 35.90 1.34
C ALA B 147 10.51 35.46 1.08
N VAL B 148 10.67 34.53 0.15
CA VAL B 148 12.00 34.04 -0.21
C VAL B 148 11.96 33.58 -1.67
N THR B 149 13.04 33.85 -2.40
CA THR B 149 13.28 33.26 -3.70
C THR B 149 14.36 32.20 -3.55
N VAL B 150 14.18 31.07 -4.21
CA VAL B 150 15.12 29.95 -4.14
C VAL B 150 15.65 29.69 -5.54
N ALA B 151 16.94 29.43 -5.63
CA ALA B 151 17.62 29.08 -6.86
C ALA B 151 18.52 27.88 -6.58
N TRP B 152 18.60 26.97 -7.54
CA TRP B 152 19.44 25.79 -7.43
C TRP B 152 20.55 25.83 -8.46
N LYS B 153 21.70 25.25 -8.10
CA LYS B 153 22.87 25.19 -8.97
C LYS B 153 23.35 23.75 -9.06
N ALA B 154 23.74 23.36 -10.27
CA ALA B 154 24.46 22.11 -10.51
C ALA B 154 25.90 22.50 -10.83
N ASP B 155 26.82 22.09 -9.96
CA ASP B 155 28.16 22.67 -9.97
C ASP B 155 28.00 24.19 -9.92
N SER B 156 28.37 24.89 -11.00
CA SER B 156 28.21 26.34 -11.08
C SER B 156 27.05 26.76 -11.96
N SER B 157 26.41 25.81 -12.68
CA SER B 157 25.36 26.15 -13.63
C SER B 157 24.00 26.12 -12.97
N PRO B 158 23.07 26.97 -13.42
CA PRO B 158 21.71 26.94 -12.86
C PRO B 158 20.98 25.65 -13.16
N VAL B 159 20.02 25.32 -12.31
CA VAL B 159 19.12 24.19 -12.49
C VAL B 159 17.75 24.75 -12.88
N LYS B 160 17.20 24.25 -13.99
CA LYS B 160 15.98 24.80 -14.55
C LYS B 160 14.78 23.87 -14.45
N ALA B 161 14.98 22.59 -14.15
CA ALA B 161 13.90 21.62 -14.09
C ALA B 161 13.93 20.86 -12.78
N GLY B 162 12.75 20.40 -12.37
CA GLY B 162 12.63 19.56 -11.19
C GLY B 162 12.66 20.28 -9.88
N VAL B 163 12.34 21.58 -9.86
CA VAL B 163 12.39 22.40 -8.66
C VAL B 163 10.96 22.67 -8.19
N GLU B 164 10.73 22.46 -6.89
CA GLU B 164 9.48 22.83 -6.24
C GLU B 164 9.82 23.46 -4.89
N THR B 165 9.01 24.42 -4.47
CA THR B 165 9.22 25.11 -3.20
C THR B 165 7.89 25.36 -2.52
N THR B 166 7.71 24.81 -1.33
CA THR B 166 6.47 24.96 -0.61
C THR B 166 6.26 26.42 -0.21
N THR B 167 4.98 26.77 0.01
CA THR B 167 4.66 28.12 0.44
C THR B 167 5.04 28.30 1.90
N PRO B 168 5.78 29.35 2.26
CA PRO B 168 6.19 29.51 3.65
C PRO B 168 4.99 29.55 4.59
N SER B 169 5.07 28.76 5.66
CA SER B 169 4.05 28.71 6.69
C SER B 169 4.65 29.13 8.03
N LYS B 170 3.89 29.91 8.78
CA LYS B 170 4.36 30.39 10.08
C LYS B 170 4.34 29.24 11.09
N GLN B 171 5.42 29.10 11.84
CA GLN B 171 5.58 28.01 12.79
C GLN B 171 5.40 28.52 14.22
N SER B 172 5.62 27.62 15.18
CA SER B 172 5.33 27.94 16.57
C SER B 172 6.24 29.03 17.11
N ASN B 173 7.46 29.15 16.59
CA ASN B 173 8.35 30.24 16.97
C ASN B 173 7.96 31.57 16.31
N ASN B 174 6.80 31.63 15.67
CA ASN B 174 6.27 32.82 15.01
C ASN B 174 7.07 33.21 13.77
N LYS B 175 8.03 32.39 13.36
CA LYS B 175 8.78 32.59 12.12
C LYS B 175 8.36 31.56 11.08
N TYR B 176 8.76 31.80 9.84
CA TYR B 176 8.29 31.00 8.71
C TYR B 176 9.23 29.84 8.41
N ALA B 177 8.69 28.84 7.72
CA ALA B 177 9.43 27.67 7.33
C ALA B 177 8.98 27.22 5.94
N ALA B 178 9.91 26.65 5.18
CA ALA B 178 9.60 26.17 3.85
C ALA B 178 10.67 25.19 3.43
N SER B 179 10.36 24.40 2.41
CA SER B 179 11.27 23.40 1.88
C SER B 179 11.25 23.48 0.37
N SER B 180 12.43 23.65 -0.23
CA SER B 180 12.60 23.54 -1.67
C SER B 180 13.32 22.24 -1.95
N TYR B 181 12.77 21.43 -2.85
CA TYR B 181 13.34 20.12 -3.15
C TYR B 181 13.56 19.96 -4.65
N LEU B 182 14.66 19.30 -4.98
CA LEU B 182 15.08 19.08 -6.36
C LEU B 182 15.04 17.59 -6.65
N SER B 183 14.24 17.20 -7.64
CA SER B 183 14.09 15.80 -8.02
C SER B 183 15.16 15.47 -9.06
N LEU B 184 16.15 14.68 -8.66
CA LEU B 184 17.21 14.26 -9.54
C LEU B 184 17.20 12.74 -9.65
N THR B 185 17.67 12.24 -10.79
CA THR B 185 17.95 10.82 -10.89
C THR B 185 19.29 10.53 -10.19
N PRO B 186 19.49 9.31 -9.71
CA PRO B 186 20.82 8.95 -9.18
C PRO B 186 21.95 9.21 -10.16
N GLU B 187 21.68 9.15 -11.47
CA GLU B 187 22.73 9.42 -12.44
C GLU B 187 23.09 10.90 -12.46
N GLN B 188 22.09 11.79 -12.35
CA GLN B 188 22.38 13.21 -12.27
C GLN B 188 23.14 13.54 -10.99
N TRP B 189 22.78 12.91 -9.88
CA TRP B 189 23.41 13.23 -8.60
C TRP B 189 24.86 12.78 -8.56
N LYS B 190 25.17 11.63 -9.17
CA LYS B 190 26.52 11.07 -9.12
C LYS B 190 27.42 11.62 -10.22
N SER B 191 26.87 12.24 -11.26
CA SER B 191 27.65 12.71 -12.39
C SER B 191 28.12 14.16 -12.22
N HIS B 192 27.63 14.87 -11.21
CA HIS B 192 28.05 16.24 -10.95
C HIS B 192 28.89 16.29 -9.68
N ARG B 193 29.69 17.34 -9.57
CA ARG B 193 30.56 17.47 -8.41
C ARG B 193 29.82 17.98 -7.18
N SER B 194 28.79 18.81 -7.37
CA SER B 194 28.04 19.33 -6.24
C SER B 194 26.76 19.99 -6.75
N TYR B 195 25.75 20.03 -5.87
CA TYR B 195 24.55 20.82 -6.06
C TYR B 195 24.44 21.83 -4.93
N SER B 196 23.90 23.01 -5.25
CA SER B 196 23.78 24.09 -4.29
C SER B 196 22.35 24.61 -4.25
N CYS B 197 21.95 25.06 -3.06
CA CYS B 197 20.70 25.75 -2.83
C CYS B 197 21.02 27.20 -2.46
N GLN B 198 20.44 28.15 -3.19
CA GLN B 198 20.66 29.57 -2.96
C GLN B 198 19.34 30.21 -2.52
N VAL B 199 19.27 30.64 -1.28
CA VAL B 199 18.07 31.23 -0.70
C VAL B 199 18.32 32.73 -0.51
N THR B 200 17.45 33.55 -1.09
CA THR B 200 17.53 35.00 -0.96
C THR B 200 16.35 35.48 -0.14
N HIS B 201 16.63 36.21 0.94
CA HIS B 201 15.62 36.75 1.84
C HIS B 201 15.99 38.20 2.15
N GLU B 202 15.18 39.14 1.67
CA GLU B 202 15.37 40.56 1.93
C GLU B 202 16.72 41.04 1.39
N GLY B 203 16.96 40.76 0.11
CA GLY B 203 18.17 41.18 -0.56
C GLY B 203 19.41 40.42 -0.18
N SER B 204 19.40 39.65 0.90
CA SER B 204 20.55 38.90 1.36
C SER B 204 20.41 37.44 0.98
N THR B 205 21.49 36.84 0.50
CA THR B 205 21.47 35.50 -0.07
C THR B 205 22.37 34.57 0.72
N VAL B 206 21.87 33.38 1.04
CA VAL B 206 22.64 32.31 1.66
C VAL B 206 22.81 31.20 0.63
N GLU B 207 23.96 30.53 0.67
CA GLU B 207 24.23 29.40 -0.19
C GLU B 207 24.69 28.20 0.64
N LYS B 208 24.17 27.02 0.30
CA LYS B 208 24.64 25.76 0.85
C LYS B 208 25.00 24.85 -0.31
N THR B 209 26.01 24.00 -0.09
CA THR B 209 26.49 23.08 -1.11
C THR B 209 26.69 21.71 -0.48
N VAL B 210 26.29 20.67 -1.22
CA VAL B 210 26.55 19.29 -0.86
C VAL B 210 27.08 18.58 -2.10
N ALA B 211 27.77 17.47 -1.88
CA ALA B 211 28.42 16.72 -2.95
C ALA B 211 28.28 15.24 -2.68
N PRO B 212 28.34 14.40 -3.71
CA PRO B 212 28.28 12.95 -3.50
C PRO B 212 29.44 12.48 -2.64
N THR B 213 29.12 11.67 -1.63
CA THR B 213 30.12 11.13 -0.71
C THR B 213 29.85 9.64 -0.50
N GLU B 214 30.72 8.99 0.27
CA GLU B 214 30.55 7.57 0.53
C GLU B 214 29.19 7.27 1.13
N CYS B 215 28.76 8.10 2.08
CA CYS B 215 27.46 7.97 2.74
C CYS B 215 26.38 7.40 1.83
N GLN C 1 9.44 -19.17 -16.92
CA GLN C 1 10.15 -18.19 -17.82
C GLN C 1 9.29 -17.93 -19.05
N SER C 2 9.36 -16.71 -19.58
CA SER C 2 8.55 -16.30 -20.72
C SER C 2 9.38 -15.42 -21.66
N ALA C 3 10.50 -15.97 -22.13
CA ALA C 3 11.23 -15.32 -23.22
C ALA C 3 10.29 -15.08 -24.41
N LEU C 4 9.48 -16.08 -24.74
CA LEU C 4 8.33 -15.92 -25.61
C LEU C 4 7.09 -15.73 -24.74
N THR C 5 6.18 -14.87 -25.18
CA THR C 5 5.02 -14.48 -24.38
C THR C 5 3.76 -15.14 -24.92
N GLN C 6 3.14 -15.99 -24.10
CA GLN C 6 1.90 -16.66 -24.41
C GLN C 6 0.80 -16.21 -23.44
N PRO C 7 -0.46 -16.20 -23.88
CA PRO C 7 -1.55 -15.97 -22.94
C PRO C 7 -1.56 -17.07 -21.87
N PRO C 8 -1.95 -16.75 -20.65
CA PRO C 8 -1.98 -17.79 -19.61
C PRO C 8 -2.97 -18.90 -19.88
N SER C 9 -4.10 -18.62 -20.54
CA SER C 9 -5.13 -19.64 -20.70
C SER C 9 -6.08 -19.27 -21.83
N ALA C 10 -6.82 -20.28 -22.28
CA ALA C 10 -7.87 -20.11 -23.28
C ALA C 10 -8.89 -21.22 -23.05
N SER C 11 -10.06 -21.05 -23.66
CA SER C 11 -11.12 -22.03 -23.45
C SER C 11 -12.14 -21.97 -24.56
N GLY C 12 -12.90 -23.04 -24.67
CA GLY C 12 -14.02 -23.10 -25.60
C GLY C 12 -14.83 -24.36 -25.35
N SER C 13 -16.08 -24.31 -25.79
CA SER C 13 -16.96 -25.46 -25.62
C SER C 13 -16.68 -26.49 -26.72
N PRO C 14 -17.07 -27.75 -26.51
CA PRO C 14 -16.81 -28.77 -27.53
C PRO C 14 -17.34 -28.35 -28.89
N GLY C 15 -16.51 -28.58 -29.91
CA GLY C 15 -16.86 -28.24 -31.27
C GLY C 15 -16.42 -26.85 -31.71
N GLN C 16 -16.10 -25.97 -30.76
CA GLN C 16 -15.64 -24.64 -31.09
C GLN C 16 -14.16 -24.68 -31.50
N SER C 17 -13.63 -23.51 -31.88
CA SER C 17 -12.23 -23.34 -32.22
C SER C 17 -11.59 -22.34 -31.28
N VAL C 18 -10.30 -22.50 -31.04
CA VAL C 18 -9.55 -21.64 -30.14
C VAL C 18 -8.17 -21.38 -30.73
N THR C 19 -7.74 -20.12 -30.71
CA THR C 19 -6.42 -19.72 -31.15
C THR C 19 -5.64 -19.15 -29.96
N ILE C 20 -4.39 -19.55 -29.83
CA ILE C 20 -3.50 -19.08 -28.77
C ILE C 20 -2.20 -18.61 -29.39
N SER C 21 -1.71 -17.46 -28.92
CA SER C 21 -0.61 -16.77 -29.56
C SER C 21 0.72 -17.08 -28.87
N CYS C 22 1.80 -16.72 -29.57
CA CYS C 22 3.17 -16.93 -29.07
C CYS C 22 4.01 -15.79 -29.64
N THR C 23 4.22 -14.76 -28.83
CA THR C 23 4.87 -13.53 -29.28
C THR C 23 6.33 -13.51 -28.83
N GLY C 24 7.21 -13.14 -29.75
CA GLY C 24 8.63 -13.02 -29.44
C GLY C 24 9.24 -11.81 -30.12
N THR C 25 10.53 -11.89 -30.45
CA THR C 25 11.25 -10.80 -31.08
C THR C 25 11.73 -11.22 -32.46
N SER C 26 12.13 -10.23 -33.26
CA SER C 26 12.59 -10.50 -34.60
C SER C 26 13.82 -11.40 -34.62
N SER C 27 14.50 -11.55 -33.49
CA SER C 27 15.65 -12.43 -33.41
C SER C 27 15.27 -13.90 -33.27
N ASP C 28 14.06 -14.20 -32.79
CA ASP C 28 13.62 -15.58 -32.66
C ASP C 28 12.39 -15.84 -33.52
N VAL C 29 11.21 -15.44 -33.05
CA VAL C 29 9.97 -15.74 -33.77
C VAL C 29 9.99 -15.11 -35.15
N GLY C 30 10.17 -13.79 -35.21
CA GLY C 30 10.11 -13.09 -36.47
C GLY C 30 11.31 -13.29 -37.37
N GLY C 31 12.39 -13.87 -36.85
CA GLY C 31 13.61 -14.03 -37.62
C GLY C 31 13.79 -15.38 -38.29
N SER C 32 12.93 -16.34 -38.00
CA SER C 32 13.08 -17.68 -38.56
C SER C 32 11.71 -18.34 -38.68
N ASP C 33 11.70 -19.50 -39.34
CA ASP C 33 10.50 -20.31 -39.45
C ASP C 33 10.70 -21.61 -38.67
N SER C 34 11.03 -21.49 -37.38
CA SER C 34 11.30 -22.65 -36.54
C SER C 34 10.38 -22.69 -35.33
N VAL C 35 9.19 -22.09 -35.44
CA VAL C 35 8.25 -22.08 -34.32
C VAL C 35 7.62 -23.47 -34.20
N SER C 36 7.84 -24.11 -33.05
CA SER C 36 7.23 -25.39 -32.74
C SER C 36 6.21 -25.22 -31.61
N TRP C 37 5.22 -26.11 -31.58
CA TRP C 37 4.24 -26.15 -30.52
C TRP C 37 4.23 -27.54 -29.88
N TYR C 38 4.04 -27.57 -28.57
CA TYR C 38 4.06 -28.81 -27.79
C TYR C 38 2.77 -28.90 -26.97
N GLN C 39 2.26 -30.13 -26.85
CA GLN C 39 1.08 -30.41 -26.05
C GLN C 39 1.48 -31.29 -24.88
N GLN C 40 0.97 -30.96 -23.69
CA GLN C 40 1.21 -31.80 -22.50
C GLN C 40 -0.12 -32.01 -21.78
N HIS C 41 -0.61 -33.25 -21.81
CA HIS C 41 -1.71 -33.61 -20.94
C HIS C 41 -1.19 -33.70 -19.50
N PRO C 42 -2.00 -33.31 -18.51
CA PRO C 42 -1.48 -33.29 -17.12
C PRO C 42 -1.03 -34.67 -16.68
N GLY C 43 0.13 -34.71 -16.04
CA GLY C 43 0.72 -35.96 -15.61
C GLY C 43 1.38 -36.77 -16.70
N LYS C 44 1.35 -36.30 -17.95
CA LYS C 44 1.86 -37.03 -19.10
C LYS C 44 3.06 -36.33 -19.70
N ALA C 45 3.81 -37.06 -20.52
CA ALA C 45 4.92 -36.47 -21.24
C ALA C 45 4.41 -35.56 -22.36
N PRO C 46 5.17 -34.52 -22.71
CA PRO C 46 4.74 -33.63 -23.79
C PRO C 46 4.89 -34.29 -25.15
N LYS C 47 4.24 -33.69 -26.13
CA LYS C 47 4.25 -34.20 -27.50
C LYS C 47 4.38 -33.03 -28.46
N LEU C 48 5.22 -33.21 -29.48
CA LEU C 48 5.31 -32.24 -30.56
C LEU C 48 4.09 -32.36 -31.46
N ILE C 49 3.41 -31.24 -31.68
CA ILE C 49 2.24 -31.22 -32.56
C ILE C 49 2.40 -30.27 -33.73
N ILE C 50 3.27 -29.26 -33.64
CA ILE C 50 3.60 -28.40 -34.77
C ILE C 50 5.10 -28.11 -34.75
N TYR C 51 5.71 -28.11 -35.93
CA TYR C 51 7.11 -27.72 -36.07
C TYR C 51 7.24 -26.87 -37.33
N GLU C 52 8.27 -26.04 -37.36
CA GLU C 52 8.49 -25.13 -38.49
C GLU C 52 7.23 -24.32 -38.80
N VAL C 53 6.57 -23.88 -37.74
CA VAL C 53 5.45 -22.94 -37.81
C VAL C 53 4.14 -23.64 -38.14
N SER C 54 4.14 -24.51 -39.15
CA SER C 54 2.90 -25.02 -39.70
C SER C 54 2.89 -26.52 -39.96
N GLN C 55 3.98 -27.23 -39.69
CA GLN C 55 4.10 -28.64 -40.05
C GLN C 55 3.55 -29.52 -38.93
N ARG C 56 2.74 -30.50 -39.31
CA ARG C 56 2.13 -31.43 -38.38
C ARG C 56 2.90 -32.75 -38.39
N PRO C 57 3.46 -33.20 -37.27
CA PRO C 57 4.02 -34.56 -37.23
C PRO C 57 2.96 -35.59 -37.59
N SER C 58 3.42 -36.78 -37.96
CA SER C 58 2.51 -37.86 -38.30
C SER C 58 1.68 -38.23 -37.09
N GLY C 59 0.39 -38.50 -37.32
CA GLY C 59 -0.52 -38.85 -36.25
C GLY C 59 -1.23 -37.68 -35.60
N VAL C 60 -0.86 -36.45 -35.95
CA VAL C 60 -1.47 -35.25 -35.38
C VAL C 60 -2.57 -34.79 -36.34
N PRO C 61 -3.84 -34.81 -35.91
CA PRO C 61 -4.92 -34.49 -36.86
C PRO C 61 -4.83 -33.07 -37.37
N ASN C 62 -5.49 -32.84 -38.51
CA ASN C 62 -5.46 -31.53 -39.13
C ASN C 62 -6.25 -30.48 -38.38
N ARG C 63 -6.96 -30.87 -37.31
CA ARG C 63 -7.61 -29.88 -36.46
C ARG C 63 -6.62 -28.84 -35.94
N PHE C 64 -5.35 -29.23 -35.80
CA PHE C 64 -4.31 -28.35 -35.28
C PHE C 64 -3.59 -27.69 -36.46
N SER C 65 -3.60 -26.36 -36.50
CA SER C 65 -2.96 -25.61 -37.57
C SER C 65 -2.13 -24.50 -36.97
N GLY C 66 -0.92 -24.32 -37.51
CA GLY C 66 0.00 -23.31 -37.03
C GLY C 66 0.33 -22.31 -38.11
N SER C 67 0.61 -21.08 -37.70
CA SER C 67 0.92 -19.99 -38.62
C SER C 67 1.71 -18.94 -37.87
N LYS C 68 2.21 -17.95 -38.63
CA LYS C 68 3.03 -16.88 -38.08
C LYS C 68 2.69 -15.58 -38.79
N SER C 69 2.90 -14.48 -38.08
CA SER C 69 2.61 -13.14 -38.62
C SER C 69 3.52 -12.15 -37.88
N GLY C 70 4.67 -11.85 -38.48
CA GLY C 70 5.65 -11.00 -37.84
C GLY C 70 6.40 -11.70 -36.73
N ASN C 71 6.30 -11.16 -35.51
CA ASN C 71 6.94 -11.74 -34.35
C ASN C 71 5.96 -12.50 -33.47
N THR C 72 4.81 -12.91 -34.02
CA THR C 72 3.77 -13.60 -33.27
C THR C 72 3.27 -14.79 -34.07
N ALA C 73 3.40 -15.98 -33.49
CA ALA C 73 2.90 -17.21 -34.08
C ALA C 73 1.62 -17.63 -33.36
N SER C 74 0.76 -18.36 -34.08
CA SER C 74 -0.52 -18.77 -33.56
C SER C 74 -0.71 -20.27 -33.74
N LEU C 75 -1.53 -20.85 -32.87
CA LEU C 75 -1.94 -22.25 -32.95
C LEU C 75 -3.45 -22.30 -32.82
N THR C 76 -4.11 -22.86 -33.83
CA THR C 76 -5.57 -23.01 -33.82
C THR C 76 -5.93 -24.47 -33.68
N VAL C 77 -6.94 -24.75 -32.86
CA VAL C 77 -7.46 -26.09 -32.64
C VAL C 77 -8.96 -26.01 -32.88
N SER C 78 -9.42 -26.59 -33.99
CA SER C 78 -10.83 -26.58 -34.35
C SER C 78 -11.51 -27.85 -33.86
N GLY C 79 -12.83 -27.79 -33.76
CA GLY C 79 -13.60 -28.90 -33.26
C GLY C 79 -13.04 -29.44 -31.96
N LEU C 80 -12.96 -28.58 -30.94
CA LEU C 80 -12.38 -28.96 -29.67
C LEU C 80 -13.03 -30.23 -29.14
N GLN C 81 -12.20 -31.18 -28.71
CA GLN C 81 -12.64 -32.42 -28.12
C GLN C 81 -12.13 -32.50 -26.68
N ALA C 82 -12.65 -33.46 -25.94
CA ALA C 82 -12.26 -33.60 -24.54
C ALA C 82 -10.77 -33.90 -24.40
N GLU C 83 -10.18 -34.57 -25.39
CA GLU C 83 -8.77 -34.93 -25.31
C GLU C 83 -7.84 -33.73 -25.54
N ASP C 84 -8.36 -32.62 -26.04
CA ASP C 84 -7.56 -31.43 -26.30
C ASP C 84 -7.26 -30.63 -25.03
N ASP C 85 -7.82 -31.02 -23.89
CA ASP C 85 -7.55 -30.35 -22.63
C ASP C 85 -6.10 -30.61 -22.24
N ALA C 86 -5.28 -29.57 -22.26
CA ALA C 86 -3.84 -29.71 -21.98
C ALA C 86 -3.21 -28.33 -21.91
N ASP C 87 -1.92 -28.33 -21.57
CA ASP C 87 -1.08 -27.14 -21.62
C ASP C 87 -0.28 -27.13 -22.92
N TYR C 88 -0.23 -25.98 -23.56
CA TYR C 88 0.42 -25.83 -24.86
C TYR C 88 1.56 -24.83 -24.75
N TYR C 89 2.76 -25.28 -25.10
CA TYR C 89 3.96 -24.44 -25.11
C TYR C 89 4.44 -24.25 -26.55
N CYS C 90 5.06 -23.11 -26.79
CA CYS C 90 5.75 -22.83 -28.05
C CYS C 90 7.25 -22.69 -27.79
N SER C 91 8.03 -22.85 -28.86
CA SER C 91 9.47 -22.67 -28.80
C SER C 91 9.94 -22.06 -30.12
N SER C 92 11.13 -21.46 -30.08
CA SER C 92 11.70 -20.82 -31.26
C SER C 92 13.21 -20.67 -31.06
N TYR C 93 13.98 -21.08 -32.06
CA TYR C 93 15.42 -20.84 -32.05
C TYR C 93 15.68 -19.36 -32.33
N GLY C 94 16.71 -18.83 -31.67
CA GLY C 94 17.05 -17.42 -31.80
C GLY C 94 18.36 -17.16 -32.52
N GLY C 95 19.00 -16.04 -32.20
CA GLY C 95 20.21 -15.64 -32.88
C GLY C 95 21.36 -16.60 -32.70
N ASP C 96 21.83 -16.77 -31.47
CA ASP C 96 22.97 -17.64 -31.17
C ASP C 96 22.60 -19.12 -31.20
N ASN C 97 21.70 -19.52 -32.10
CA ASN C 97 21.21 -20.89 -32.17
C ASN C 97 20.81 -21.42 -30.80
N ASN C 98 20.32 -20.52 -29.94
CA ASN C 98 19.76 -20.88 -28.65
C ASN C 98 18.25 -20.98 -28.75
N LEU C 99 17.67 -21.85 -27.94
CA LEU C 99 16.24 -22.16 -28.00
C LEU C 99 15.49 -21.36 -26.94
N PHE C 100 14.43 -20.69 -27.35
CA PHE C 100 13.58 -19.90 -26.47
C PHE C 100 12.21 -20.56 -26.34
N PHE C 101 11.62 -20.47 -25.15
CA PHE C 101 10.34 -21.11 -24.84
C PHE C 101 9.32 -20.09 -24.38
N GLY C 102 8.05 -20.40 -24.63
CA GLY C 102 6.96 -19.63 -24.08
C GLY C 102 6.48 -20.18 -22.73
N GLY C 103 5.64 -19.38 -22.06
CA GLY C 103 5.25 -19.72 -20.71
C GLY C 103 4.28 -20.87 -20.62
N GLY C 104 3.50 -21.09 -21.67
CA GLY C 104 2.50 -22.13 -21.68
C GLY C 104 1.10 -21.54 -21.61
N THR C 105 0.15 -22.24 -22.22
CA THR C 105 -1.26 -21.85 -22.24
C THR C 105 -2.10 -23.04 -21.83
N LYS C 106 -2.88 -22.87 -20.76
CA LYS C 106 -3.81 -23.90 -20.29
C LYS C 106 -5.11 -23.76 -21.05
N VAL C 107 -5.41 -24.75 -21.89
CA VAL C 107 -6.63 -24.75 -22.72
C VAL C 107 -7.64 -25.68 -22.06
N THR C 108 -8.81 -25.14 -21.74
CA THR C 108 -9.88 -25.90 -21.10
C THR C 108 -11.05 -26.04 -22.05
N VAL C 109 -11.47 -27.29 -22.29
CA VAL C 109 -12.73 -27.55 -22.98
C VAL C 109 -13.81 -27.56 -21.90
N LEU C 110 -14.67 -26.53 -21.91
CA LEU C 110 -15.60 -26.29 -20.82
C LEU C 110 -16.36 -27.55 -20.46
N GLY C 111 -16.23 -27.97 -19.20
CA GLY C 111 -17.02 -29.07 -18.67
C GLY C 111 -18.20 -28.57 -17.87
N GLN C 112 -18.26 -27.26 -17.66
CA GLN C 112 -19.33 -26.64 -16.89
C GLN C 112 -19.35 -25.16 -17.23
N PRO C 113 -20.37 -24.42 -16.78
CA PRO C 113 -20.41 -22.99 -17.10
C PRO C 113 -19.22 -22.25 -16.53
N LYS C 114 -18.86 -21.14 -17.17
CA LYS C 114 -17.77 -20.32 -16.72
C LYS C 114 -18.17 -19.52 -15.49
N ALA C 115 -17.20 -19.24 -14.62
CA ALA C 115 -17.45 -18.55 -13.37
C ALA C 115 -16.28 -17.62 -13.06
N ALA C 116 -16.57 -16.33 -12.92
CA ALA C 116 -15.55 -15.37 -12.56
C ALA C 116 -15.15 -15.58 -11.10
N PRO C 117 -13.93 -15.19 -10.73
CA PRO C 117 -13.47 -15.43 -9.35
C PRO C 117 -13.94 -14.36 -8.38
N SER C 118 -14.11 -14.78 -7.13
CA SER C 118 -14.25 -13.85 -6.01
C SER C 118 -12.88 -13.69 -5.38
N VAL C 119 -12.38 -12.45 -5.34
CA VAL C 119 -11.03 -12.15 -4.91
C VAL C 119 -11.09 -11.29 -3.66
N THR C 120 -10.34 -11.68 -2.64
CA THR C 120 -10.26 -10.93 -1.38
C THR C 120 -8.81 -10.87 -0.95
N LEU C 121 -8.33 -9.68 -0.65
CA LEU C 121 -6.95 -9.44 -0.26
C LEU C 121 -6.91 -9.01 1.20
N PHE C 122 -6.13 -9.73 2.01
CA PHE C 122 -6.08 -9.51 3.45
C PHE C 122 -4.78 -8.84 3.84
N PRO C 123 -4.82 -7.78 4.65
CA PRO C 123 -3.56 -7.19 5.14
C PRO C 123 -2.98 -8.04 6.27
N PRO C 124 -1.76 -7.73 6.71
CA PRO C 124 -1.15 -8.55 7.78
C PRO C 124 -1.98 -8.50 9.04
N SER C 125 -2.03 -9.64 9.74
CA SER C 125 -2.78 -9.73 10.99
C SER C 125 -1.92 -9.23 12.15
N SER C 126 -2.58 -8.66 13.15
CA SER C 126 -1.87 -8.17 14.32
C SER C 126 -0.98 -9.24 14.93
N GLU C 127 -1.52 -10.46 15.08
CA GLU C 127 -0.77 -11.53 15.73
C GLU C 127 0.52 -11.85 14.98
N GLU C 128 0.45 -11.96 13.64
CA GLU C 128 1.64 -12.31 12.88
C GLU C 128 2.65 -11.17 12.85
N LEU C 129 2.17 -9.92 12.84
CA LEU C 129 3.08 -8.78 12.89
C LEU C 129 3.92 -8.81 14.16
N GLN C 130 3.29 -9.13 15.30
CA GLN C 130 4.04 -9.28 16.55
C GLN C 130 5.08 -10.39 16.46
N ALA C 131 5.05 -11.21 15.42
CA ALA C 131 6.08 -12.22 15.17
C ALA C 131 6.99 -11.83 14.00
N ASN C 132 7.01 -10.54 13.65
CA ASN C 132 7.91 -10.03 12.60
C ASN C 132 7.62 -10.68 11.25
N LYS C 133 6.33 -10.88 10.96
CA LYS C 133 5.88 -11.39 9.67
C LYS C 133 4.73 -10.51 9.19
N ALA C 134 4.80 -10.07 7.95
CA ALA C 134 3.77 -9.22 7.35
C ALA C 134 3.21 -9.88 6.09
N THR C 135 2.95 -11.19 6.16
CA THR C 135 2.47 -11.92 5.00
C THR C 135 1.07 -11.46 4.61
N LEU C 136 0.91 -11.13 3.33
CA LEU C 136 -0.40 -10.82 2.77
C LEU C 136 -0.98 -12.09 2.14
N VAL C 137 -2.32 -12.19 2.15
CA VAL C 137 -3.01 -13.33 1.56
C VAL C 137 -4.03 -12.79 0.56
N CYS C 138 -4.06 -13.39 -0.63
CA CYS C 138 -5.01 -13.05 -1.69
C CYS C 138 -5.84 -14.29 -1.96
N LEU C 139 -7.08 -14.28 -1.48
CA LEU C 139 -7.97 -15.44 -1.61
C LEU C 139 -8.74 -15.38 -2.92
N ILE C 140 -8.78 -16.50 -3.64
CA ILE C 140 -9.43 -16.59 -4.95
C ILE C 140 -10.27 -17.85 -4.97
N SER C 141 -11.58 -17.70 -5.19
CA SER C 141 -12.48 -18.83 -5.09
C SER C 141 -13.64 -18.66 -6.08
N ASP C 142 -14.30 -19.79 -6.36
CA ASP C 142 -15.55 -19.81 -7.13
C ASP C 142 -15.34 -19.45 -8.59
N PHE C 143 -14.29 -19.98 -9.21
CA PHE C 143 -14.01 -19.71 -10.61
C PHE C 143 -13.90 -21.01 -11.39
N TYR C 144 -14.18 -20.92 -12.69
CA TYR C 144 -14.04 -22.02 -13.64
C TYR C 144 -13.81 -21.36 -14.99
N PRO C 145 -12.85 -21.83 -15.81
CA PRO C 145 -11.90 -22.94 -15.57
C PRO C 145 -10.92 -22.68 -14.43
N GLY C 146 -10.21 -23.73 -14.00
CA GLY C 146 -9.30 -23.64 -12.88
C GLY C 146 -7.98 -22.93 -13.16
N ALA C 147 -7.80 -22.40 -14.35
CA ALA C 147 -6.59 -21.64 -14.65
C ALA C 147 -6.71 -20.21 -14.13
N VAL C 148 -5.63 -19.69 -13.59
CA VAL C 148 -5.61 -18.35 -13.03
C VAL C 148 -4.16 -17.91 -12.86
N THR C 149 -3.90 -16.63 -13.08
CA THR C 149 -2.59 -16.03 -12.89
C THR C 149 -2.69 -14.89 -11.89
N VAL C 150 -1.72 -14.81 -10.99
CA VAL C 150 -1.71 -13.81 -9.92
C VAL C 150 -0.48 -12.93 -10.08
N ALA C 151 -0.68 -11.62 -10.01
CA ALA C 151 0.39 -10.64 -10.09
C ALA C 151 0.35 -9.76 -8.84
N TRP C 152 1.52 -9.53 -8.26
CA TRP C 152 1.66 -8.74 -7.04
C TRP C 152 2.39 -7.44 -7.34
N LYS C 153 1.86 -6.33 -6.80
CA LYS C 153 2.40 -5.00 -7.05
C LYS C 153 2.66 -4.31 -5.72
N ALA C 154 3.87 -3.75 -5.58
CA ALA C 154 4.21 -2.90 -4.45
C ALA C 154 4.12 -1.45 -4.90
N ASP C 155 3.19 -0.70 -4.30
CA ASP C 155 2.88 0.66 -4.75
C ASP C 155 2.39 0.63 -6.19
N SER C 156 3.34 0.51 -7.15
CA SER C 156 2.96 0.30 -8.54
C SER C 156 3.99 -0.53 -9.29
N SER C 157 4.82 -1.31 -8.58
CA SER C 157 5.94 -2.03 -9.18
C SER C 157 5.78 -3.52 -9.01
N PRO C 158 6.04 -4.31 -10.05
CA PRO C 158 5.96 -5.77 -9.90
C PRO C 158 6.94 -6.27 -8.85
N VAL C 159 6.48 -7.20 -8.02
CA VAL C 159 7.29 -7.83 -6.99
C VAL C 159 7.41 -9.31 -7.32
N LYS C 160 8.65 -9.79 -7.43
CA LYS C 160 8.92 -11.16 -7.82
C LYS C 160 9.18 -12.08 -6.63
N ALA C 161 10.07 -11.68 -5.73
CA ALA C 161 10.42 -12.53 -4.61
C ALA C 161 9.29 -12.59 -3.60
N GLY C 162 9.22 -13.71 -2.88
CA GLY C 162 8.26 -13.88 -1.80
C GLY C 162 6.86 -14.24 -2.23
N VAL C 163 6.63 -14.52 -3.50
CA VAL C 163 5.30 -14.85 -3.99
C VAL C 163 5.12 -16.36 -4.01
N GLU C 164 3.95 -16.81 -3.56
CA GLU C 164 3.62 -18.23 -3.47
C GLU C 164 2.14 -18.38 -3.79
N THR C 165 1.82 -19.21 -4.78
CA THR C 165 0.45 -19.44 -5.20
C THR C 165 0.18 -20.94 -5.22
N THR C 166 -0.90 -21.35 -4.56
CA THR C 166 -1.24 -22.76 -4.47
C THR C 166 -1.93 -23.23 -5.75
N THR C 167 -1.75 -24.50 -6.08
CA THR C 167 -2.41 -25.09 -7.23
C THR C 167 -3.93 -25.07 -7.01
N PRO C 168 -4.71 -24.54 -7.95
CA PRO C 168 -6.16 -24.45 -7.73
C PRO C 168 -6.78 -25.83 -7.56
N SER C 169 -7.62 -25.97 -6.56
CA SER C 169 -8.27 -27.23 -6.23
C SER C 169 -9.78 -27.06 -6.29
N LYS C 170 -10.48 -28.09 -6.74
CA LYS C 170 -11.93 -28.06 -6.84
C LYS C 170 -12.52 -28.22 -5.46
N GLN C 171 -13.46 -27.33 -5.11
CA GLN C 171 -14.07 -27.32 -3.80
C GLN C 171 -15.44 -28.00 -3.85
N SER C 172 -16.21 -27.87 -2.76
CA SER C 172 -17.45 -28.62 -2.64
C SER C 172 -18.46 -28.25 -3.71
N ASN C 173 -18.49 -26.98 -4.12
CA ASN C 173 -19.44 -26.52 -5.13
C ASN C 173 -18.95 -26.76 -6.56
N ASN C 174 -18.01 -27.69 -6.75
CA ASN C 174 -17.47 -28.02 -8.07
C ASN C 174 -16.87 -26.80 -8.76
N LYS C 175 -16.32 -25.87 -7.98
CA LYS C 175 -15.56 -24.74 -8.49
C LYS C 175 -14.20 -24.73 -7.81
N TYR C 176 -13.26 -24.02 -8.41
CA TYR C 176 -11.87 -24.02 -7.97
C TYR C 176 -11.60 -22.89 -6.97
N ALA C 177 -10.66 -23.16 -6.08
CA ALA C 177 -10.23 -22.18 -5.08
C ALA C 177 -8.70 -22.22 -4.97
N ALA C 178 -8.11 -21.04 -4.79
CA ALA C 178 -6.68 -20.93 -4.59
C ALA C 178 -6.40 -19.74 -3.69
N SER C 179 -5.14 -19.58 -3.31
CA SER C 179 -4.72 -18.43 -2.53
C SER C 179 -3.27 -18.13 -2.85
N SER C 180 -2.98 -16.86 -3.09
CA SER C 180 -1.62 -16.36 -3.29
C SER C 180 -1.25 -15.50 -2.08
N TYR C 181 -0.09 -15.78 -1.49
CA TYR C 181 0.37 -15.03 -0.32
C TYR C 181 1.78 -14.54 -0.54
N LEU C 182 1.99 -13.25 -0.27
CA LEU C 182 3.30 -12.61 -0.41
C LEU C 182 3.91 -12.46 0.98
N SER C 183 5.05 -13.10 1.20
CA SER C 183 5.73 -13.08 2.50
C SER C 183 6.60 -11.84 2.57
N LEU C 184 6.07 -10.79 3.20
CA LEU C 184 6.79 -9.55 3.41
C LEU C 184 7.29 -9.49 4.84
N THR C 185 8.31 -8.66 5.06
CA THR C 185 8.72 -8.30 6.42
C THR C 185 7.90 -7.11 6.90
N PRO C 186 7.81 -6.90 8.21
CA PRO C 186 7.11 -5.70 8.70
C PRO C 186 7.63 -4.41 8.10
N GLU C 187 8.96 -4.28 7.98
CA GLU C 187 9.54 -3.04 7.44
C GLU C 187 9.02 -2.78 6.02
N GLN C 188 9.14 -3.77 5.14
CA GLN C 188 8.64 -3.61 3.78
C GLN C 188 7.17 -3.17 3.78
N TRP C 189 6.35 -3.79 4.63
CA TRP C 189 4.93 -3.47 4.65
C TRP C 189 4.69 -2.02 5.07
N LYS C 190 5.25 -1.62 6.22
CA LYS C 190 4.98 -0.28 6.73
C LYS C 190 5.64 0.82 5.90
N SER C 191 6.70 0.50 5.16
CA SER C 191 7.47 1.50 4.45
C SER C 191 6.96 1.76 3.03
N HIS C 192 5.87 1.12 2.62
CA HIS C 192 5.29 1.33 1.30
C HIS C 192 3.89 1.92 1.45
N ARG C 193 3.45 2.62 0.41
CA ARG C 193 2.12 3.20 0.42
C ARG C 193 1.05 2.12 0.41
N SER C 194 1.26 1.05 -0.37
CA SER C 194 0.25 0.01 -0.50
C SER C 194 0.84 -1.17 -1.27
N TYR C 195 0.14 -2.29 -1.19
CA TYR C 195 0.40 -3.46 -2.00
C TYR C 195 -0.90 -3.87 -2.69
N SER C 196 -0.79 -4.60 -3.79
CA SER C 196 -1.96 -4.98 -4.57
C SER C 196 -1.83 -6.43 -5.05
N CYS C 197 -2.98 -7.05 -5.24
CA CYS C 197 -3.09 -8.39 -5.83
C CYS C 197 -3.85 -8.26 -7.14
N GLN C 198 -3.26 -8.78 -8.22
CA GLN C 198 -3.88 -8.77 -9.54
C GLN C 198 -4.12 -10.21 -9.96
N VAL C 199 -5.38 -10.55 -10.20
CA VAL C 199 -5.77 -11.91 -10.57
C VAL C 199 -6.34 -11.87 -11.98
N THR C 200 -5.85 -12.77 -12.83
CA THR C 200 -6.28 -12.87 -14.22
C THR C 200 -7.01 -14.19 -14.42
N HIS C 201 -8.20 -14.11 -15.01
CA HIS C 201 -9.00 -15.31 -15.28
C HIS C 201 -9.81 -15.08 -16.54
N GLU C 202 -9.66 -15.98 -17.51
CA GLU C 202 -10.37 -15.90 -18.80
C GLU C 202 -10.24 -14.51 -19.41
N GLY C 203 -8.98 -14.07 -19.57
CA GLY C 203 -8.69 -12.84 -20.25
C GLY C 203 -9.10 -11.57 -19.54
N SER C 204 -9.68 -11.66 -18.35
CA SER C 204 -10.09 -10.49 -17.59
C SER C 204 -9.39 -10.48 -16.24
N THR C 205 -8.95 -9.29 -15.82
CA THR C 205 -8.12 -9.14 -14.64
C THR C 205 -8.77 -8.20 -13.63
N VAL C 206 -8.68 -8.57 -12.35
CA VAL C 206 -9.18 -7.76 -11.26
C VAL C 206 -8.02 -7.43 -10.33
N GLU C 207 -8.15 -6.31 -9.62
CA GLU C 207 -7.08 -5.82 -8.74
C GLU C 207 -7.66 -5.31 -7.43
N LYS C 208 -7.04 -5.71 -6.33
CA LYS C 208 -7.38 -5.22 -5.00
C LYS C 208 -6.13 -4.65 -4.34
N THR C 209 -6.34 -3.66 -3.47
CA THR C 209 -5.24 -2.96 -2.82
C THR C 209 -5.47 -2.87 -1.32
N VAL C 210 -4.37 -2.97 -0.57
CA VAL C 210 -4.38 -2.82 0.88
C VAL C 210 -3.20 -1.95 1.29
N ALA C 211 -3.37 -1.20 2.36
CA ALA C 211 -2.36 -0.28 2.87
C ALA C 211 -2.23 -0.42 4.38
N PRO C 212 -1.08 -0.05 4.94
CA PRO C 212 -0.92 -0.13 6.41
C PRO C 212 -1.80 0.89 7.11
N THR C 213 -2.34 0.48 8.26
CA THR C 213 -3.21 1.32 9.06
C THR C 213 -2.72 1.31 10.51
N GLU C 214 -3.28 2.22 11.31
CA GLU C 214 -2.92 2.29 12.71
C GLU C 214 -3.47 1.08 13.48
N CYS C 215 -4.80 0.98 13.57
CA CYS C 215 -5.45 -0.11 14.27
C CYS C 215 -6.37 -0.95 13.38
N SER C 216 -6.81 -0.44 12.24
CA SER C 216 -7.70 -1.16 11.35
C SER C 216 -9.00 -1.50 12.07
N GLN D 1 3.27 -41.74 -31.79
CA GLN D 1 3.35 -43.22 -31.61
C GLN D 1 4.67 -43.65 -30.99
N SER D 2 5.76 -43.03 -31.43
CA SER D 2 7.09 -43.39 -30.98
C SER D 2 7.49 -42.59 -29.74
N ALA D 3 8.37 -43.17 -28.93
CA ALA D 3 8.76 -42.56 -27.68
C ALA D 3 10.12 -43.09 -27.25
N LEU D 4 10.63 -42.53 -26.17
CA LEU D 4 11.86 -42.96 -25.53
C LEU D 4 11.52 -43.62 -24.20
N THR D 5 12.41 -44.49 -23.74
CA THR D 5 12.16 -45.30 -22.55
C THR D 5 12.91 -44.73 -21.36
N GLN D 6 12.16 -44.29 -20.34
CA GLN D 6 12.70 -43.88 -19.06
C GLN D 6 12.11 -44.73 -17.95
N PRO D 7 12.86 -44.96 -16.87
CA PRO D 7 12.25 -45.57 -15.68
C PRO D 7 11.17 -44.68 -15.11
N PRO D 8 10.05 -45.25 -14.63
CA PRO D 8 9.00 -44.39 -14.07
C PRO D 8 9.42 -43.69 -12.80
N SER D 9 10.29 -44.29 -12.00
CA SER D 9 10.64 -43.76 -10.70
C SER D 9 12.12 -43.93 -10.43
N ALA D 10 12.65 -43.01 -9.63
CA ALA D 10 14.01 -43.06 -9.12
C ALA D 10 14.02 -42.26 -7.83
N SER D 11 14.96 -42.57 -6.94
CA SER D 11 14.96 -41.92 -5.64
C SER D 11 16.34 -41.97 -5.01
N GLY D 12 16.56 -41.05 -4.08
CA GLY D 12 17.81 -40.97 -3.35
C GLY D 12 17.68 -40.02 -2.18
N SER D 13 18.56 -40.20 -1.21
CA SER D 13 18.51 -39.37 0.00
C SER D 13 19.28 -38.08 -0.21
N PRO D 14 19.06 -37.09 0.65
CA PRO D 14 19.77 -35.81 0.50
C PRO D 14 21.27 -36.00 0.49
N GLY D 15 21.95 -35.22 -0.36
CA GLY D 15 23.38 -35.29 -0.48
C GLY D 15 23.90 -36.42 -1.35
N GLN D 16 23.09 -37.42 -1.65
CA GLN D 16 23.52 -38.54 -2.47
C GLN D 16 23.39 -38.18 -3.95
N SER D 17 23.62 -39.17 -4.82
CA SER D 17 23.46 -39.01 -6.26
C SER D 17 22.46 -40.05 -6.77
N VAL D 18 21.67 -39.65 -7.77
CA VAL D 18 20.74 -40.53 -8.44
C VAL D 18 20.99 -40.40 -9.94
N THR D 19 21.00 -41.55 -10.63
CA THR D 19 21.19 -41.59 -12.08
C THR D 19 19.98 -42.22 -12.73
N ILE D 20 19.46 -41.56 -13.77
CA ILE D 20 18.32 -42.02 -14.52
C ILE D 20 18.72 -42.12 -15.98
N SER D 21 18.10 -43.05 -16.70
CA SER D 21 18.49 -43.37 -18.07
C SER D 21 17.38 -43.00 -19.05
N CYS D 22 17.76 -42.99 -20.33
CA CYS D 22 16.88 -42.59 -21.41
C CYS D 22 17.32 -43.38 -22.64
N THR D 23 16.58 -44.45 -22.95
CA THR D 23 16.96 -45.39 -23.99
C THR D 23 16.15 -45.14 -25.25
N GLY D 24 16.84 -44.93 -26.37
CA GLY D 24 16.19 -44.78 -27.66
C GLY D 24 16.72 -45.78 -28.68
N THR D 25 16.80 -45.37 -29.94
CA THR D 25 17.32 -46.21 -31.02
C THR D 25 18.55 -45.54 -31.62
N SER D 26 19.14 -46.21 -32.61
CA SER D 26 20.32 -45.68 -33.27
C SER D 26 20.01 -44.47 -34.14
N SER D 27 18.74 -44.18 -34.41
CA SER D 27 18.35 -43.07 -35.27
C SER D 27 17.72 -41.92 -34.50
N ASP D 28 17.79 -41.93 -33.17
CA ASP D 28 17.40 -40.76 -32.39
C ASP D 28 18.47 -40.44 -31.35
N VAL D 29 18.40 -41.09 -30.18
CA VAL D 29 19.39 -40.84 -29.12
C VAL D 29 20.80 -41.16 -29.62
N GLY D 30 20.97 -42.34 -30.20
CA GLY D 30 22.27 -42.74 -30.70
C GLY D 30 22.68 -42.14 -32.02
N GLY D 31 21.76 -41.47 -32.71
CA GLY D 31 22.05 -40.95 -34.03
C GLY D 31 22.84 -39.66 -34.05
N SER D 32 22.79 -38.87 -32.97
CA SER D 32 23.52 -37.61 -32.91
C SER D 32 23.66 -37.22 -31.44
N ASP D 33 24.06 -35.96 -31.22
CA ASP D 33 24.23 -35.45 -29.87
C ASP D 33 23.18 -34.38 -29.56
N SER D 34 21.91 -34.72 -29.78
CA SER D 34 20.81 -33.77 -29.58
C SER D 34 19.95 -34.13 -28.38
N VAL D 35 20.49 -34.91 -27.44
CA VAL D 35 19.71 -35.31 -26.27
C VAL D 35 19.52 -34.10 -25.35
N SER D 36 18.31 -33.94 -24.85
CA SER D 36 17.97 -32.89 -23.90
C SER D 36 17.23 -33.51 -22.71
N TRP D 37 17.37 -32.86 -21.57
CA TRP D 37 16.63 -33.21 -20.36
C TRP D 37 15.88 -32.00 -19.85
N TYR D 38 14.66 -32.23 -19.34
CA TYR D 38 13.83 -31.17 -18.79
C TYR D 38 13.40 -31.55 -17.38
N GLN D 39 13.43 -30.58 -16.48
CA GLN D 39 12.90 -30.73 -15.13
C GLN D 39 11.53 -30.08 -15.06
N GLN D 40 10.59 -30.72 -14.36
CA GLN D 40 9.25 -30.19 -14.20
C GLN D 40 8.72 -30.55 -12.82
N HIS D 41 8.37 -29.55 -12.04
CA HIS D 41 7.63 -29.78 -10.79
C HIS D 41 6.13 -29.85 -11.09
N PRO D 42 5.43 -30.86 -10.56
CA PRO D 42 3.99 -30.99 -10.88
C PRO D 42 3.24 -29.68 -10.71
N GLY D 43 2.44 -29.34 -11.71
CA GLY D 43 1.70 -28.10 -11.71
C GLY D 43 2.48 -26.88 -12.14
N LYS D 44 3.72 -27.04 -12.59
CA LYS D 44 4.58 -25.93 -12.94
C LYS D 44 5.09 -26.09 -14.37
N ALA D 45 5.42 -24.98 -15.00
CA ALA D 45 6.08 -25.03 -16.30
C ALA D 45 7.41 -25.77 -16.14
N PRO D 46 7.88 -26.43 -17.20
CA PRO D 46 9.14 -27.18 -17.12
C PRO D 46 10.32 -26.25 -17.35
N LYS D 47 11.52 -26.82 -17.19
CA LYS D 47 12.77 -26.08 -17.29
C LYS D 47 13.81 -26.93 -18.01
N LEU D 48 14.36 -26.42 -19.09
CA LEU D 48 15.48 -27.09 -19.76
C LEU D 48 16.71 -27.07 -18.85
N ILE D 49 17.29 -28.24 -18.59
CA ILE D 49 18.44 -28.33 -17.71
C ILE D 49 19.67 -28.87 -18.43
N ILE D 50 19.46 -29.65 -19.49
CA ILE D 50 20.55 -30.21 -20.29
C ILE D 50 20.17 -30.13 -21.76
N TYR D 51 21.14 -29.80 -22.61
CA TYR D 51 20.97 -29.85 -24.05
C TYR D 51 22.27 -30.32 -24.68
N GLU D 52 22.15 -30.89 -25.88
CA GLU D 52 23.28 -31.48 -26.58
C GLU D 52 24.00 -32.49 -25.69
N VAL D 53 23.22 -33.25 -24.93
CA VAL D 53 23.67 -34.39 -24.14
C VAL D 53 24.25 -33.96 -22.79
N SER D 54 24.95 -32.82 -22.75
CA SER D 54 25.74 -32.51 -21.57
C SER D 54 25.85 -31.03 -21.21
N GLN D 55 25.34 -30.15 -22.07
CA GLN D 55 25.48 -28.72 -21.83
C GLN D 55 24.38 -28.22 -20.90
N ARG D 56 24.79 -27.54 -19.81
CA ARG D 56 23.85 -26.89 -18.89
C ARG D 56 23.56 -25.47 -19.37
N PRO D 57 22.30 -25.05 -19.45
CA PRO D 57 22.01 -23.64 -19.69
C PRO D 57 22.39 -22.80 -18.48
N SER D 58 22.37 -21.48 -18.67
CA SER D 58 22.73 -20.57 -17.59
C SER D 58 21.75 -20.70 -16.43
N GLY D 59 22.31 -20.74 -15.22
CA GLY D 59 21.50 -20.82 -14.02
C GLY D 59 21.20 -22.21 -13.52
N VAL D 60 21.66 -23.25 -14.22
CA VAL D 60 21.43 -24.63 -13.82
C VAL D 60 22.60 -25.08 -12.95
N PRO D 61 22.38 -25.54 -11.73
CA PRO D 61 23.51 -25.98 -10.90
C PRO D 61 24.33 -27.04 -11.62
N ASN D 62 25.63 -27.03 -11.34
CA ASN D 62 26.53 -28.04 -11.88
C ASN D 62 26.34 -29.41 -11.23
N ARG D 63 25.32 -29.54 -10.38
CA ARG D 63 24.95 -30.85 -9.85
C ARG D 63 24.23 -31.71 -10.87
N PHE D 64 23.80 -31.15 -12.00
CA PHE D 64 23.12 -31.90 -13.06
C PHE D 64 24.10 -32.14 -14.21
N SER D 65 24.48 -33.40 -14.41
CA SER D 65 25.38 -33.79 -15.48
C SER D 65 24.69 -34.78 -16.39
N GLY D 66 24.84 -34.59 -17.70
CA GLY D 66 24.26 -35.46 -18.69
C GLY D 66 25.35 -36.10 -19.52
N SER D 67 25.11 -37.35 -19.94
CA SER D 67 26.04 -38.09 -20.78
C SER D 67 25.25 -39.05 -21.65
N LYS D 68 25.97 -39.73 -22.55
CA LYS D 68 25.36 -40.62 -23.52
C LYS D 68 26.34 -41.72 -23.87
N SER D 69 25.84 -42.96 -23.94
CA SER D 69 26.65 -44.12 -24.29
C SER D 69 25.79 -45.05 -25.14
N GLY D 70 26.02 -45.05 -26.45
CA GLY D 70 25.23 -45.89 -27.34
C GLY D 70 23.88 -45.28 -27.61
N ASN D 71 22.83 -46.09 -27.43
CA ASN D 71 21.46 -45.63 -27.60
C ASN D 71 20.79 -45.26 -26.28
N THR D 72 21.57 -45.05 -25.22
CA THR D 72 21.05 -44.74 -23.90
C THR D 72 21.79 -43.55 -23.32
N ALA D 73 21.05 -42.49 -23.00
CA ALA D 73 21.58 -41.33 -22.31
C ALA D 73 21.23 -41.41 -20.83
N SER D 74 22.03 -40.73 -20.01
CA SER D 74 21.86 -40.75 -18.58
C SER D 74 21.95 -39.34 -18.02
N LEU D 75 21.14 -39.06 -17.00
CA LEU D 75 21.19 -37.82 -16.25
C LEU D 75 21.52 -38.17 -14.80
N THR D 76 22.60 -37.60 -14.30
CA THR D 76 23.00 -37.77 -12.90
C THR D 76 22.72 -36.48 -12.15
N VAL D 77 22.09 -36.61 -10.98
CA VAL D 77 21.81 -35.47 -10.10
C VAL D 77 22.51 -35.78 -8.79
N SER D 78 23.61 -35.08 -8.53
CA SER D 78 24.40 -35.25 -7.32
C SER D 78 23.98 -34.22 -6.27
N GLY D 79 24.41 -34.46 -5.03
CA GLY D 79 24.06 -33.59 -3.93
C GLY D 79 22.57 -33.31 -3.89
N LEU D 80 21.78 -34.37 -3.78
CA LEU D 80 20.33 -34.22 -3.89
C LEU D 80 19.79 -33.27 -2.84
N GLN D 81 18.90 -32.39 -3.28
CA GLN D 81 18.21 -31.45 -2.41
C GLN D 81 16.71 -31.58 -2.62
N ALA D 82 15.95 -31.06 -1.65
CA ALA D 82 14.50 -31.21 -1.68
C ALA D 82 13.91 -30.65 -2.96
N GLU D 83 14.47 -29.55 -3.48
CA GLU D 83 13.93 -28.93 -4.69
C GLU D 83 14.20 -29.76 -5.94
N ASP D 84 15.00 -30.83 -5.84
CA ASP D 84 15.21 -31.72 -6.98
C ASP D 84 14.09 -32.73 -7.16
N ASP D 85 13.22 -32.87 -6.15
CA ASP D 85 12.06 -33.74 -6.23
C ASP D 85 11.13 -33.21 -7.33
N ALA D 86 11.00 -33.96 -8.42
CA ALA D 86 10.20 -33.51 -9.55
C ALA D 86 10.20 -34.56 -10.65
N ASP D 87 9.59 -34.24 -11.78
CA ASP D 87 9.58 -35.11 -12.95
C ASP D 87 10.69 -34.66 -13.91
N TYR D 88 11.33 -35.63 -14.57
CA TYR D 88 12.41 -35.36 -15.51
C TYR D 88 12.14 -36.10 -16.81
N TYR D 89 12.06 -35.35 -17.91
CA TYR D 89 11.85 -35.92 -19.23
C TYR D 89 13.09 -35.74 -20.09
N CYS D 90 13.32 -36.70 -20.96
CA CYS D 90 14.37 -36.62 -21.97
C CYS D 90 13.73 -36.53 -23.34
N SER D 91 14.42 -35.84 -24.25
CA SER D 91 13.99 -35.71 -25.64
C SER D 91 15.20 -35.88 -26.54
N SER D 92 14.95 -36.32 -27.76
CA SER D 92 16.01 -36.53 -28.73
C SER D 92 15.42 -36.40 -30.13
N TYR D 93 15.99 -35.51 -30.93
CA TYR D 93 15.64 -35.45 -32.34
C TYR D 93 15.96 -36.78 -33.00
N GLY D 94 15.17 -37.14 -34.00
CA GLY D 94 15.43 -38.34 -34.79
C GLY D 94 15.56 -38.00 -36.26
N GLY D 95 14.92 -38.81 -37.11
CA GLY D 95 14.88 -38.51 -38.53
C GLY D 95 13.51 -38.03 -38.96
N ASP D 96 13.44 -37.35 -40.11
CA ASP D 96 12.17 -36.88 -40.66
C ASP D 96 11.51 -35.86 -39.73
N ASN D 97 12.31 -34.92 -39.24
CA ASN D 97 11.82 -33.82 -38.41
C ASN D 97 11.13 -34.32 -37.14
N ASN D 98 11.56 -35.47 -36.64
CA ASN D 98 10.94 -36.08 -35.47
C ASN D 98 11.62 -35.63 -34.19
N LEU D 99 10.80 -35.30 -33.19
CA LEU D 99 11.28 -34.98 -31.84
C LEU D 99 10.61 -35.95 -30.88
N PHE D 100 11.38 -36.88 -30.33
CA PHE D 100 10.87 -37.90 -29.44
C PHE D 100 11.04 -37.47 -27.99
N PHE D 101 10.11 -37.92 -27.15
CA PHE D 101 10.11 -37.64 -25.72
C PHE D 101 10.01 -38.94 -24.95
N GLY D 102 10.71 -38.99 -23.82
CA GLY D 102 10.51 -40.09 -22.88
C GLY D 102 9.24 -39.92 -22.09
N GLY D 103 8.87 -40.99 -21.39
CA GLY D 103 7.67 -40.96 -20.55
C GLY D 103 7.83 -40.20 -19.26
N GLY D 104 9.04 -39.85 -18.88
CA GLY D 104 9.26 -39.11 -17.66
C GLY D 104 9.65 -40.02 -16.51
N THR D 105 10.42 -39.47 -15.58
CA THR D 105 10.84 -40.18 -14.38
C THR D 105 10.55 -39.30 -13.17
N LYS D 106 9.78 -39.83 -12.22
CA LYS D 106 9.52 -39.14 -10.97
C LYS D 106 10.68 -39.41 -10.02
N VAL D 107 11.48 -38.39 -9.74
CA VAL D 107 12.59 -38.51 -8.80
C VAL D 107 12.10 -38.04 -7.43
N THR D 108 12.29 -38.89 -6.43
CA THR D 108 11.86 -38.60 -5.06
C THR D 108 13.08 -38.51 -4.16
N VAL D 109 13.18 -37.42 -3.41
CA VAL D 109 14.23 -37.26 -2.40
C VAL D 109 13.71 -37.87 -1.11
N LEU D 110 14.33 -38.95 -0.67
CA LEU D 110 13.83 -39.73 0.44
C LEU D 110 14.12 -39.04 1.77
N GLY D 111 13.27 -39.33 2.76
CA GLY D 111 13.52 -38.88 4.12
C GLY D 111 13.51 -37.38 4.30
N GLN D 112 12.59 -36.67 3.65
CA GLN D 112 12.46 -35.25 3.90
C GLN D 112 11.96 -35.03 5.32
N PRO D 113 12.53 -34.07 6.06
CA PRO D 113 12.17 -33.93 7.47
C PRO D 113 10.71 -33.52 7.64
N LYS D 114 10.09 -34.08 8.68
CA LYS D 114 8.76 -33.63 9.08
C LYS D 114 8.79 -32.15 9.45
N ALA D 115 7.67 -31.48 9.21
CA ALA D 115 7.57 -30.05 9.47
C ALA D 115 6.16 -29.71 9.88
N ALA D 116 6.02 -28.98 11.02
CA ALA D 116 4.72 -28.53 11.50
C ALA D 116 4.33 -27.22 10.81
N PRO D 117 3.04 -26.96 10.68
CA PRO D 117 2.60 -25.82 9.86
C PRO D 117 2.64 -24.50 10.61
N SER D 118 3.14 -23.48 9.93
CA SER D 118 2.94 -22.10 10.35
C SER D 118 1.51 -21.71 10.02
N VAL D 119 0.72 -21.43 11.06
CA VAL D 119 -0.70 -21.15 10.93
C VAL D 119 -0.93 -19.68 11.22
N THR D 120 -1.63 -19.00 10.31
CA THR D 120 -1.94 -17.58 10.45
C THR D 120 -3.40 -17.37 10.09
N LEU D 121 -4.18 -16.84 11.03
CA LEU D 121 -5.60 -16.57 10.84
C LEU D 121 -5.81 -15.08 10.59
N PHE D 122 -6.48 -14.75 9.50
CA PHE D 122 -6.73 -13.37 9.11
C PHE D 122 -8.19 -13.02 9.35
N PRO D 123 -8.49 -11.92 10.04
CA PRO D 123 -9.88 -11.46 10.13
C PRO D 123 -10.32 -10.82 8.82
N PRO D 124 -11.59 -10.48 8.69
CA PRO D 124 -12.05 -9.85 7.45
C PRO D 124 -11.39 -8.49 7.26
N SER D 125 -11.15 -8.15 5.99
CA SER D 125 -10.58 -6.85 5.66
C SER D 125 -11.68 -5.79 5.64
N SER D 126 -11.29 -4.54 5.43
CA SER D 126 -12.25 -3.45 5.39
C SER D 126 -13.02 -3.42 4.08
N GLU D 127 -12.39 -3.82 2.96
CA GLU D 127 -13.08 -3.76 1.68
C GLU D 127 -14.21 -4.78 1.60
N GLU D 128 -13.97 -6.02 2.05
CA GLU D 128 -15.02 -7.02 1.96
C GLU D 128 -16.14 -6.74 2.97
N LEU D 129 -15.81 -6.16 4.13
CA LEU D 129 -16.86 -5.72 5.04
C LEU D 129 -17.71 -4.63 4.39
N GLN D 130 -17.08 -3.74 3.62
CA GLN D 130 -17.84 -2.76 2.86
C GLN D 130 -18.74 -3.44 1.83
N ALA D 131 -18.25 -4.52 1.22
CA ALA D 131 -19.01 -5.26 0.21
C ALA D 131 -19.96 -6.29 0.82
N ASN D 132 -20.30 -6.15 2.10
CA ASN D 132 -21.23 -7.06 2.78
C ASN D 132 -20.71 -8.49 2.77
N LYS D 133 -19.40 -8.65 3.00
CA LYS D 133 -18.79 -9.96 3.12
C LYS D 133 -17.84 -9.95 4.30
N ALA D 134 -17.64 -11.12 4.90
CA ALA D 134 -16.80 -11.26 6.08
C ALA D 134 -16.14 -12.64 6.07
N THR D 135 -15.36 -12.92 5.03
CA THR D 135 -14.66 -14.19 4.94
C THR D 135 -13.39 -14.17 5.78
N LEU D 136 -13.17 -15.25 6.53
CA LEU D 136 -11.93 -15.46 7.27
C LEU D 136 -11.05 -16.44 6.51
N VAL D 137 -9.74 -16.26 6.63
CA VAL D 137 -8.75 -17.12 5.97
C VAL D 137 -7.76 -17.63 7.01
N CYS D 138 -7.51 -18.93 6.99
CA CYS D 138 -6.55 -19.60 7.86
C CYS D 138 -5.43 -20.14 6.98
N LEU D 139 -4.35 -19.36 6.86
CA LEU D 139 -3.24 -19.73 6.00
C LEU D 139 -2.37 -20.78 6.70
N ILE D 140 -2.15 -21.90 6.01
CA ILE D 140 -1.36 -23.01 6.52
C ILE D 140 -0.24 -23.29 5.53
N SER D 141 1.00 -23.20 5.99
CA SER D 141 2.14 -23.33 5.09
C SER D 141 3.33 -23.94 5.82
N ASP D 142 4.29 -24.41 5.03
CA ASP D 142 5.58 -24.88 5.53
C ASP D 142 5.43 -26.12 6.40
N PHE D 143 4.58 -27.05 5.98
CA PHE D 143 4.38 -28.30 6.69
C PHE D 143 4.61 -29.48 5.76
N TYR D 144 4.95 -30.62 6.36
CA TYR D 144 5.29 -31.83 5.64
C TYR D 144 5.16 -33.03 6.58
N PRO D 145 4.51 -34.12 6.16
CA PRO D 145 3.85 -34.37 4.87
C PRO D 145 2.59 -33.54 4.67
N GLY D 146 1.91 -33.69 3.54
CA GLY D 146 0.80 -32.82 3.19
C GLY D 146 -0.57 -33.34 3.56
N ALA D 147 -0.73 -33.80 4.80
CA ALA D 147 -2.02 -34.25 5.33
C ALA D 147 -2.34 -33.44 6.57
N VAL D 148 -3.41 -32.66 6.52
CA VAL D 148 -3.85 -31.82 7.63
C VAL D 148 -5.36 -31.87 7.74
N THR D 149 -5.86 -31.64 8.95
CA THR D 149 -7.28 -31.52 9.22
C THR D 149 -7.55 -30.15 9.83
N VAL D 150 -8.68 -29.55 9.49
CA VAL D 150 -9.00 -28.18 9.89
C VAL D 150 -10.39 -28.16 10.48
N ALA D 151 -10.51 -27.62 11.70
CA ALA D 151 -11.78 -27.38 12.36
C ALA D 151 -11.89 -25.90 12.67
N TRP D 152 -13.11 -25.38 12.64
CA TRP D 152 -13.40 -23.99 12.90
C TRP D 152 -14.34 -23.88 14.09
N LYS D 153 -14.11 -22.86 14.93
CA LYS D 153 -14.91 -22.61 16.11
C LYS D 153 -15.54 -21.22 15.99
N ALA D 154 -16.76 -21.10 16.50
CA ALA D 154 -17.43 -19.82 16.69
C ALA D 154 -17.56 -19.64 18.21
N ASP D 155 -16.86 -18.63 18.75
CA ASP D 155 -16.63 -18.60 20.19
C ASP D 155 -15.99 -19.94 20.56
N SER D 156 -16.62 -20.71 21.44
CA SER D 156 -16.15 -22.05 21.75
C SER D 156 -16.89 -23.14 20.97
N SER D 157 -17.86 -22.77 20.12
CA SER D 157 -18.73 -23.79 19.55
C SER D 157 -18.21 -24.25 18.19
N PRO D 158 -18.41 -25.53 17.85
CA PRO D 158 -17.91 -26.03 16.56
C PRO D 158 -18.65 -25.41 15.38
N VAL D 159 -17.91 -25.17 14.31
CA VAL D 159 -18.48 -24.68 13.05
C VAL D 159 -18.55 -25.86 12.09
N LYS D 160 -19.74 -26.15 11.60
CA LYS D 160 -19.95 -27.30 10.71
C LYS D 160 -20.50 -26.91 9.36
N ALA D 161 -20.54 -25.63 9.02
CA ALA D 161 -21.05 -25.17 7.74
C ALA D 161 -20.25 -23.98 7.25
N GLY D 162 -20.07 -23.90 5.94
CA GLY D 162 -19.41 -22.78 5.31
C GLY D 162 -17.91 -22.86 5.27
N VAL D 163 -17.33 -24.02 5.54
CA VAL D 163 -15.88 -24.19 5.56
C VAL D 163 -15.42 -24.84 4.25
N GLU D 164 -14.36 -24.29 3.68
CA GLU D 164 -13.71 -24.87 2.52
C GLU D 164 -12.20 -24.91 2.78
N THR D 165 -11.57 -26.03 2.43
CA THR D 165 -10.15 -26.23 2.71
C THR D 165 -9.47 -26.72 1.44
N THR D 166 -8.63 -25.88 0.85
CA THR D 166 -7.96 -26.25 -0.40
C THR D 166 -7.08 -27.48 -0.17
N THR D 167 -6.85 -28.22 -1.26
CA THR D 167 -5.94 -29.35 -1.21
C THR D 167 -4.51 -28.87 -1.04
N PRO D 168 -3.71 -29.53 -0.19
CA PRO D 168 -2.33 -29.07 0.00
C PRO D 168 -1.52 -29.23 -1.29
N SER D 169 -0.74 -28.20 -1.62
CA SER D 169 0.12 -28.21 -2.79
C SER D 169 1.53 -27.82 -2.38
N LYS D 170 2.52 -28.45 -3.02
CA LYS D 170 3.91 -28.16 -2.71
C LYS D 170 4.31 -26.81 -3.29
N GLN D 171 5.10 -26.05 -2.52
CA GLN D 171 5.48 -24.70 -2.88
C GLN D 171 6.98 -24.65 -3.19
N SER D 172 7.46 -23.44 -3.49
CA SER D 172 8.86 -23.26 -3.87
C SER D 172 9.79 -23.82 -2.81
N ASN D 173 9.48 -23.59 -1.53
CA ASN D 173 10.30 -24.07 -0.43
C ASN D 173 10.11 -25.56 -0.15
N ASN D 174 9.49 -26.30 -1.08
CA ASN D 174 9.38 -27.75 -1.03
C ASN D 174 8.49 -28.24 0.11
N LYS D 175 7.63 -27.38 0.62
CA LYS D 175 6.68 -27.74 1.68
C LYS D 175 5.29 -27.34 1.25
N TYR D 176 4.30 -28.04 1.81
CA TYR D 176 2.92 -27.86 1.38
C TYR D 176 2.31 -26.61 1.98
N ALA D 177 1.38 -26.02 1.23
CA ALA D 177 0.66 -24.81 1.63
C ALA D 177 -0.82 -25.02 1.35
N ALA D 178 -1.66 -24.68 2.33
CA ALA D 178 -3.10 -24.79 2.19
C ALA D 178 -3.76 -23.55 2.77
N SER D 179 -4.99 -23.31 2.35
CA SER D 179 -5.81 -22.22 2.86
C SER D 179 -7.20 -22.74 3.20
N SER D 180 -7.61 -22.58 4.44
CA SER D 180 -8.97 -22.86 4.86
C SER D 180 -9.68 -21.52 5.07
N TYR D 181 -10.86 -21.36 4.50
CA TYR D 181 -11.60 -20.12 4.64
C TYR D 181 -13.04 -20.40 5.05
N LEU D 182 -13.58 -19.51 5.88
CA LEU D 182 -14.92 -19.65 6.44
C LEU D 182 -15.71 -18.41 6.04
N SER D 183 -16.71 -18.60 5.17
CA SER D 183 -17.51 -17.49 4.68
C SER D 183 -18.56 -17.13 5.73
N LEU D 184 -18.49 -15.90 6.22
CA LEU D 184 -19.45 -15.40 7.20
C LEU D 184 -20.09 -14.11 6.67
N THR D 185 -21.34 -13.90 7.06
CA THR D 185 -21.94 -12.60 6.86
C THR D 185 -21.31 -11.60 7.82
N PRO D 186 -21.38 -10.30 7.50
CA PRO D 186 -20.88 -9.31 8.47
C PRO D 186 -21.58 -9.40 9.82
N GLU D 187 -22.82 -9.89 9.86
CA GLU D 187 -23.55 -9.98 11.12
C GLU D 187 -23.02 -11.11 11.98
N GLN D 188 -22.77 -12.29 11.37
CA GLN D 188 -22.20 -13.39 12.12
C GLN D 188 -20.83 -13.01 12.69
N TRP D 189 -20.00 -12.35 11.89
CA TRP D 189 -18.68 -11.97 12.36
C TRP D 189 -18.75 -11.04 13.56
N LYS D 190 -19.77 -10.17 13.61
CA LYS D 190 -19.87 -9.18 14.68
C LYS D 190 -20.65 -9.69 15.89
N SER D 191 -21.59 -10.59 15.69
CA SER D 191 -22.39 -11.12 16.79
C SER D 191 -21.64 -12.14 17.65
N HIS D 192 -20.38 -12.42 17.35
CA HIS D 192 -19.60 -13.40 18.09
C HIS D 192 -18.36 -12.72 18.67
N ARG D 193 -17.84 -13.31 19.74
CA ARG D 193 -16.68 -12.73 20.40
C ARG D 193 -15.38 -13.09 19.67
N SER D 194 -15.34 -14.24 19.01
CA SER D 194 -14.15 -14.63 18.27
C SER D 194 -14.48 -15.82 17.37
N TYR D 195 -13.64 -16.02 16.37
CA TYR D 195 -13.61 -17.22 15.55
C TYR D 195 -12.20 -17.82 15.62
N SER D 196 -12.13 -19.14 15.56
CA SER D 196 -10.86 -19.84 15.73
C SER D 196 -10.70 -20.91 14.65
N CYS D 197 -9.45 -21.16 14.29
CA CYS D 197 -9.06 -22.17 13.31
C CYS D 197 -8.16 -23.17 14.04
N GLN D 198 -8.63 -24.41 14.17
CA GLN D 198 -7.81 -25.50 14.66
C GLN D 198 -7.19 -26.23 13.47
N VAL D 199 -5.91 -26.58 13.59
CA VAL D 199 -5.18 -27.26 12.54
C VAL D 199 -4.39 -28.40 13.18
N THR D 200 -4.71 -29.64 12.78
CA THR D 200 -4.01 -30.83 13.25
C THR D 200 -3.09 -31.36 12.16
N HIS D 201 -1.96 -31.93 12.58
CA HIS D 201 -0.97 -32.45 11.64
C HIS D 201 -0.06 -33.42 12.39
N GLU D 202 -0.07 -34.68 11.98
CA GLU D 202 0.74 -35.72 12.62
C GLU D 202 0.43 -35.82 14.11
N GLY D 203 -0.79 -35.49 14.49
CA GLY D 203 -1.21 -35.59 15.88
C GLY D 203 -1.19 -34.27 16.62
N SER D 204 -0.23 -33.41 16.30
CA SER D 204 -0.11 -32.13 16.98
C SER D 204 -1.20 -31.17 16.50
N THR D 205 -1.86 -30.51 17.45
CA THR D 205 -2.95 -29.60 17.15
C THR D 205 -2.59 -28.19 17.62
N VAL D 206 -2.77 -27.22 16.74
CA VAL D 206 -2.60 -25.80 17.05
C VAL D 206 -3.92 -25.11 16.81
N GLU D 207 -4.12 -23.97 17.46
CA GLU D 207 -5.34 -23.20 17.29
C GLU D 207 -5.04 -21.71 17.31
N LYS D 208 -5.57 -20.98 16.32
CA LYS D 208 -5.46 -19.54 16.24
C LYS D 208 -6.84 -18.93 16.43
N THR D 209 -6.87 -17.77 17.08
CA THR D 209 -8.13 -17.10 17.40
C THR D 209 -8.02 -15.62 17.04
N VAL D 210 -9.05 -15.11 16.35
CA VAL D 210 -9.17 -13.70 16.01
C VAL D 210 -10.52 -13.23 16.51
N ALA D 211 -10.65 -11.92 16.68
CA ALA D 211 -11.85 -11.32 17.24
C ALA D 211 -12.19 -10.06 16.46
N PRO D 212 -13.47 -9.65 16.48
CA PRO D 212 -13.86 -8.46 15.70
C PRO D 212 -13.32 -7.16 16.29
N THR D 213 -13.10 -7.10 17.60
CA THR D 213 -12.64 -5.87 18.25
C THR D 213 -11.21 -5.58 17.77
N GLU D 214 -11.12 -4.95 16.59
CA GLU D 214 -9.82 -4.55 16.07
C GLU D 214 -9.15 -3.55 17.01
N CYS D 215 -9.93 -2.80 17.78
CA CYS D 215 -9.40 -1.81 18.72
C CYS D 215 -10.32 -1.79 19.95
N SER D 216 -9.97 -2.59 20.95
CA SER D 216 -10.73 -2.63 22.20
C SER D 216 -10.06 -3.57 23.20
#